data_7ZSR
#
_entry.id   7ZSR
#
_cell.length_a   50.528
_cell.length_b   84.540
_cell.length_c   93.879
_cell.angle_alpha   90.000
_cell.angle_beta   94.470
_cell.angle_gamma   90.000
#
_symmetry.space_group_name_H-M   'P 1 21 1'
#
loop_
_entity.id
_entity.type
_entity.pdbx_description
1 polymer 'Purine nucleoside phosphorylase'
2 non-polymer '[(~{E})-2-[5-bromanyl-2-[(4-oxidanylidene-3,5-dihydropyrrolo[3,2-d]pyrimidin-7-yl)sulfanyl]phenyl]ethenyl]phosphonic acid'
3 non-polymer 'ACETATE ION'
4 water water
#
_entity_poly.entity_id   1
_entity_poly.type   'polypeptide(L)'
_entity_poly.pdbx_seq_one_letter_code
;VADPRPDPDELARRAAQVIADRTGIGEHDVAVVLGSGWLPAVAALGSPTTVLPQAELPGFVPPTAAGHAGELLSVPIGAH
RVLVLAGRIHAYEGHDLRYVVHPVRAARAAGAQIMVLTNAAGGLRADLQVGQPVLISDHLNLTARSPLVGGEFVDLTDAY
SPRLRELARQSDPQLAEGVYAGLPGPHYETPAEIRMLQTLGADLVGMSTVHETIAARAAGAEVLGVSLVTNLAAGITGEP
LSHAEVLAAGAASATRMGALLADVIARF
;
_entity_poly.pdbx_strand_id   A,B,C
#
# COMPACT_ATOMS: atom_id res chain seq x y z
N ASP A 7 -2.86 -24.53 -6.18
CA ASP A 7 -4.22 -24.17 -6.71
C ASP A 7 -5.16 -23.96 -5.52
N PRO A 8 -5.57 -22.71 -5.21
CA PRO A 8 -6.50 -22.47 -4.11
C PRO A 8 -7.77 -23.32 -4.19
N ASP A 9 -8.42 -23.38 -5.36
CA ASP A 9 -9.65 -24.19 -5.57
C ASP A 9 -9.40 -25.66 -5.17
N GLU A 10 -8.28 -26.23 -5.58
CA GLU A 10 -7.97 -27.67 -5.36
C GLU A 10 -7.69 -27.87 -3.87
N LEU A 11 -6.90 -27.00 -3.25
CA LEU A 11 -6.58 -27.14 -1.80
C LEU A 11 -7.90 -27.02 -1.01
N ALA A 12 -8.79 -26.14 -1.46
CA ALA A 12 -10.08 -25.86 -0.78
C ALA A 12 -10.97 -27.11 -0.80
N ARG A 13 -10.98 -27.86 -1.92
CA ARG A 13 -11.83 -29.07 -2.06
C ARG A 13 -11.20 -30.23 -1.24
N ARG A 14 -9.88 -30.36 -1.24
CA ARG A 14 -9.20 -31.41 -0.43
C ARG A 14 -9.53 -31.16 1.06
N ALA A 15 -9.47 -29.91 1.50
CA ALA A 15 -9.85 -29.51 2.87
C ALA A 15 -11.29 -29.92 3.15
N ALA A 16 -12.22 -29.62 2.25
CA ALA A 16 -13.67 -29.80 2.45
C ALA A 16 -13.97 -31.30 2.61
N GLN A 17 -13.23 -32.13 1.85
CA GLN A 17 -13.38 -33.60 1.88
C GLN A 17 -13.06 -34.09 3.29
N VAL A 18 -11.91 -33.67 3.83
CA VAL A 18 -11.45 -34.09 5.19
C VAL A 18 -12.45 -33.57 6.21
N ILE A 19 -12.92 -32.33 6.08
CA ILE A 19 -13.99 -31.81 6.98
C ILE A 19 -15.21 -32.74 6.89
N ALA A 20 -15.65 -33.13 5.70
CA ALA A 20 -16.82 -34.03 5.51
C ALA A 20 -16.54 -35.38 6.18
N ASP A 21 -15.39 -35.99 5.91
CA ASP A 21 -14.97 -37.26 6.56
C ASP A 21 -15.03 -37.06 8.06
N ARG A 22 -14.16 -36.22 8.61
CA ARG A 22 -13.90 -36.09 10.07
C ARG A 22 -15.18 -35.65 10.81
N THR A 23 -16.11 -34.92 10.18
CA THR A 23 -17.36 -34.44 10.85
C THR A 23 -18.52 -35.39 10.54
N GLY A 24 -18.34 -36.31 9.60
CA GLY A 24 -19.40 -37.14 9.00
C GLY A 24 -20.58 -36.30 8.53
N ILE A 25 -20.38 -35.03 8.15
CA ILE A 25 -21.45 -34.16 7.59
C ILE A 25 -20.99 -33.64 6.23
N GLY A 26 -21.72 -33.96 5.18
CA GLY A 26 -21.39 -33.63 3.77
C GLY A 26 -21.64 -32.16 3.43
N GLU A 27 -22.43 -31.45 4.24
CA GLU A 27 -22.78 -30.03 3.97
C GLU A 27 -22.83 -29.20 5.27
N HIS A 28 -22.00 -28.15 5.36
CA HIS A 28 -22.10 -27.07 6.36
C HIS A 28 -22.56 -25.79 5.66
N ASP A 29 -23.82 -25.39 5.85
CA ASP A 29 -24.49 -24.33 5.05
C ASP A 29 -24.10 -22.93 5.57
N VAL A 30 -23.49 -22.84 6.76
CA VAL A 30 -23.01 -21.57 7.37
C VAL A 30 -21.60 -21.83 7.89
N ALA A 31 -20.75 -20.81 7.85
CA ALA A 31 -19.39 -20.80 8.43
C ALA A 31 -19.19 -19.49 9.20
N VAL A 32 -18.51 -19.58 10.34
CA VAL A 32 -18.16 -18.42 11.21
C VAL A 32 -16.64 -18.43 11.39
N VAL A 33 -15.96 -17.33 11.06
CA VAL A 33 -14.52 -17.07 11.39
C VAL A 33 -14.49 -16.22 12.66
N LEU A 34 -13.86 -16.72 13.72
CA LEU A 34 -13.78 -16.01 15.01
C LEU A 34 -12.42 -15.34 15.10
N GLY A 35 -12.40 -14.00 15.23
CA GLY A 35 -11.20 -13.24 15.62
C GLY A 35 -10.82 -13.50 17.08
N SER A 36 -9.63 -13.03 17.49
CA SER A 36 -9.15 -13.00 18.90
C SER A 36 -10.27 -12.51 19.82
N GLY A 37 -10.90 -11.39 19.47
CA GLY A 37 -12.00 -10.76 20.21
C GLY A 37 -13.24 -11.64 20.38
N TRP A 38 -13.43 -12.67 19.55
CA TRP A 38 -14.67 -13.51 19.50
C TRP A 38 -14.41 -14.96 19.95
N LEU A 39 -13.15 -15.39 20.03
CA LEU A 39 -12.76 -16.73 20.52
C LEU A 39 -13.39 -17.02 21.87
N PRO A 40 -13.42 -16.08 22.85
CA PRO A 40 -14.09 -16.36 24.12
C PRO A 40 -15.55 -16.82 23.96
N ALA A 41 -16.26 -16.35 22.92
CA ALA A 41 -17.71 -16.56 22.69
C ALA A 41 -18.01 -17.97 22.16
N VAL A 42 -16.99 -18.80 21.94
CA VAL A 42 -17.13 -20.04 21.13
C VAL A 42 -18.13 -20.96 21.83
N ALA A 43 -18.05 -21.14 23.15
CA ALA A 43 -18.89 -22.11 23.90
C ALA A 43 -20.35 -21.66 23.82
N ALA A 44 -20.58 -20.35 23.82
CA ALA A 44 -21.92 -19.74 23.89
C ALA A 44 -22.61 -19.83 22.53
N LEU A 45 -21.91 -20.30 21.49
CA LEU A 45 -22.50 -20.55 20.14
C LEU A 45 -23.41 -21.78 20.17
N GLY A 46 -23.07 -22.76 21.01
CA GLY A 46 -23.75 -24.08 21.06
C GLY A 46 -22.76 -25.19 21.33
N SER A 47 -23.25 -26.42 21.53
CA SER A 47 -22.40 -27.60 21.81
C SER A 47 -21.97 -28.21 20.50
N PRO A 48 -20.66 -28.40 20.24
CA PRO A 48 -20.20 -28.94 18.97
C PRO A 48 -20.32 -30.48 18.93
N THR A 49 -20.50 -31.02 17.74
CA THR A 49 -20.61 -32.48 17.48
C THR A 49 -19.23 -33.02 17.12
N THR A 50 -18.35 -32.16 16.60
CA THR A 50 -16.95 -32.50 16.27
C THR A 50 -16.04 -31.29 16.51
N VAL A 51 -14.85 -31.56 17.02
CA VAL A 51 -13.78 -30.57 17.26
C VAL A 51 -12.48 -31.18 16.75
N LEU A 52 -11.86 -30.59 15.73
CA LEU A 52 -10.54 -31.07 15.25
C LEU A 52 -9.58 -29.90 15.13
N PRO A 53 -8.27 -30.18 15.19
CA PRO A 53 -7.25 -29.15 15.06
C PRO A 53 -7.22 -28.63 13.61
N GLN A 54 -7.19 -27.32 13.44
CA GLN A 54 -7.05 -26.70 12.10
C GLN A 54 -5.77 -27.23 11.44
N ALA A 55 -4.72 -27.52 12.21
CA ALA A 55 -3.42 -28.01 11.68
C ALA A 55 -3.54 -29.39 11.00
N GLU A 56 -4.63 -30.14 11.20
CA GLU A 56 -4.82 -31.50 10.62
C GLU A 56 -5.50 -31.38 9.26
N LEU A 57 -5.91 -30.18 8.84
CA LEU A 57 -6.71 -29.93 7.62
C LEU A 57 -5.83 -29.46 6.49
N PRO A 58 -5.97 -30.02 5.27
CA PRO A 58 -5.15 -29.59 4.15
C PRO A 58 -5.19 -28.07 3.97
N GLY A 59 -4.03 -27.42 3.79
CA GLY A 59 -3.89 -26.02 3.36
C GLY A 59 -3.98 -25.01 4.50
N PHE A 60 -4.32 -25.47 5.70
CA PHE A 60 -4.57 -24.58 6.87
C PHE A 60 -3.24 -24.09 7.46
N VAL A 61 -2.20 -24.92 7.41
CA VAL A 61 -0.86 -24.67 7.99
C VAL A 61 0.06 -24.13 6.89
N PRO A 62 0.26 -22.79 6.80
CA PRO A 62 1.18 -22.22 5.81
C PRO A 62 2.54 -22.88 5.83
N PRO A 63 3.06 -23.31 4.65
CA PRO A 63 4.36 -23.96 4.59
C PRO A 63 5.44 -23.04 5.16
N THR A 64 5.20 -21.71 5.15
CA THR A 64 6.13 -20.69 5.74
C THR A 64 6.80 -21.30 6.97
N ALA A 65 6.00 -21.79 7.91
CA ALA A 65 6.44 -22.51 9.14
C ALA A 65 5.25 -22.61 10.11
N ALA A 66 5.53 -23.05 11.34
CA ALA A 66 4.62 -23.05 12.49
C ALA A 66 3.52 -24.10 12.28
N GLY A 67 2.65 -24.28 13.27
CA GLY A 67 1.39 -25.04 13.17
C GLY A 67 0.25 -24.22 13.72
N HIS A 68 -0.80 -23.96 12.91
CA HIS A 68 -2.03 -23.22 13.32
C HIS A 68 -2.47 -23.71 14.70
N ALA A 69 -2.67 -22.78 15.66
CA ALA A 69 -3.03 -23.06 17.07
C ALA A 69 -4.55 -23.18 17.22
N GLY A 70 -5.27 -23.37 16.10
CA GLY A 70 -6.71 -23.12 15.98
C GLY A 70 -7.50 -24.39 15.79
N GLU A 71 -8.79 -24.36 16.10
CA GLU A 71 -9.69 -25.52 16.09
C GLU A 71 -10.76 -25.28 15.04
N LEU A 72 -11.19 -26.33 14.36
CA LEU A 72 -12.47 -26.30 13.62
C LEU A 72 -13.54 -27.00 14.46
N LEU A 73 -14.74 -26.40 14.54
CA LEU A 73 -15.90 -26.94 15.29
C LEU A 73 -17.09 -27.08 14.34
N SER A 74 -17.85 -28.17 14.47
CA SER A 74 -19.17 -28.34 13.82
C SER A 74 -20.26 -28.19 14.87
N VAL A 75 -21.13 -27.20 14.70
CA VAL A 75 -22.14 -26.79 15.71
C VAL A 75 -23.51 -26.71 15.04
N PRO A 76 -24.50 -27.52 15.47
CA PRO A 76 -25.89 -27.32 15.04
C PRO A 76 -26.44 -26.06 15.73
N ILE A 77 -26.91 -25.09 14.94
CA ILE A 77 -27.56 -23.84 15.43
C ILE A 77 -28.85 -23.62 14.64
N GLY A 78 -29.99 -23.54 15.35
CA GLY A 78 -31.31 -23.57 14.71
C GLY A 78 -31.37 -24.75 13.76
N ALA A 79 -31.79 -24.51 12.51
CA ALA A 79 -31.90 -25.57 11.48
C ALA A 79 -30.52 -25.82 10.85
N HIS A 80 -29.56 -24.92 11.08
CA HIS A 80 -28.28 -24.87 10.32
C HIS A 80 -27.23 -25.81 10.89
N ARG A 81 -26.31 -26.19 10.00
CA ARG A 81 -25.08 -26.95 10.32
C ARG A 81 -23.90 -26.00 10.14
N VAL A 82 -23.27 -25.59 11.25
CA VAL A 82 -22.33 -24.43 11.26
C VAL A 82 -20.89 -24.93 11.38
N LEU A 83 -20.06 -24.45 10.46
CA LEU A 83 -18.59 -24.65 10.45
C LEU A 83 -17.96 -23.47 11.17
N VAL A 84 -17.44 -23.70 12.36
CA VAL A 84 -16.90 -22.62 13.23
C VAL A 84 -15.38 -22.75 13.21
N LEU A 85 -14.69 -21.72 12.72
CA LEU A 85 -13.21 -21.67 12.62
C LEU A 85 -12.68 -20.76 13.74
N ALA A 86 -12.18 -21.40 14.79
CA ALA A 86 -11.72 -20.77 16.05
C ALA A 86 -10.24 -20.51 15.91
N GLY A 87 -9.88 -19.31 15.47
CA GLY A 87 -8.51 -18.99 15.00
C GLY A 87 -8.48 -18.74 13.50
N ARG A 88 -7.78 -17.69 13.10
CA ARG A 88 -7.50 -17.35 11.69
C ARG A 88 -6.02 -16.96 11.59
N ILE A 89 -5.47 -17.07 10.39
CA ILE A 89 -4.14 -16.51 10.03
C ILE A 89 -4.36 -15.08 9.56
N HIS A 90 -3.41 -14.22 9.89
CA HIS A 90 -3.42 -12.76 9.54
C HIS A 90 -2.34 -12.49 8.50
N ALA A 91 -2.62 -11.57 7.59
CA ALA A 91 -1.61 -11.04 6.65
C ALA A 91 -0.31 -10.67 7.41
N TYR A 92 -0.41 -10.06 8.60
CA TYR A 92 0.78 -9.52 9.32
C TYR A 92 1.74 -10.64 9.75
N GLU A 93 1.37 -11.91 9.57
CA GLU A 93 2.22 -13.08 9.88
C GLU A 93 3.16 -13.30 8.68
N GLY A 94 2.88 -12.71 7.52
CA GLY A 94 3.83 -12.68 6.39
C GLY A 94 3.53 -13.70 5.31
N HIS A 95 2.46 -14.50 5.47
CA HIS A 95 2.04 -15.55 4.48
C HIS A 95 1.37 -14.93 3.26
N ASP A 96 1.41 -15.66 2.15
CA ASP A 96 0.62 -15.33 0.93
C ASP A 96 -0.85 -15.29 1.33
N LEU A 97 -1.62 -14.37 0.74
CA LEU A 97 -3.05 -14.17 1.07
C LEU A 97 -3.83 -15.44 0.77
N ARG A 98 -3.34 -16.28 -0.13
CA ARG A 98 -3.90 -17.63 -0.45
C ARG A 98 -4.19 -18.39 0.83
N TYR A 99 -3.22 -18.37 1.76
CA TYR A 99 -3.27 -19.07 3.07
C TYR A 99 -4.20 -18.34 4.03
N VAL A 100 -4.29 -17.00 3.92
CA VAL A 100 -5.19 -16.18 4.78
C VAL A 100 -6.67 -16.41 4.41
N VAL A 101 -7.04 -16.50 3.12
CA VAL A 101 -8.45 -16.68 2.67
C VAL A 101 -8.81 -18.16 2.46
N HIS A 102 -7.84 -19.08 2.53
CA HIS A 102 -8.07 -20.55 2.37
C HIS A 102 -9.20 -21.05 3.27
N PRO A 103 -9.23 -20.70 4.57
CA PRO A 103 -10.33 -21.11 5.44
C PRO A 103 -11.71 -20.75 4.87
N VAL A 104 -11.86 -19.54 4.32
CA VAL A 104 -13.14 -19.07 3.69
C VAL A 104 -13.47 -19.95 2.47
N ARG A 105 -12.50 -20.21 1.60
CA ARG A 105 -12.67 -21.04 0.39
C ARG A 105 -12.96 -22.50 0.77
N ALA A 106 -12.24 -23.05 1.75
CA ALA A 106 -12.45 -24.41 2.30
C ALA A 106 -13.91 -24.52 2.77
N ALA A 107 -14.37 -23.53 3.52
CA ALA A 107 -15.74 -23.50 4.10
C ALA A 107 -16.76 -23.47 2.96
N ARG A 108 -16.52 -22.68 1.93
CA ARG A 108 -17.40 -22.59 0.73
C ARG A 108 -17.51 -23.96 0.06
N ALA A 109 -16.37 -24.58 -0.22
CA ALA A 109 -16.28 -25.93 -0.83
C ALA A 109 -16.97 -26.95 0.08
N ALA A 110 -17.19 -26.64 1.36
CA ALA A 110 -17.84 -27.58 2.29
C ALA A 110 -19.33 -27.25 2.40
N GLY A 111 -19.83 -26.33 1.57
CA GLY A 111 -21.26 -26.02 1.44
C GLY A 111 -21.66 -24.65 1.98
N ALA A 112 -20.72 -23.89 2.54
CA ALA A 112 -21.04 -22.59 3.21
C ALA A 112 -21.69 -21.60 2.24
N GLN A 113 -22.93 -21.20 2.53
CA GLN A 113 -23.73 -20.20 1.75
C GLN A 113 -23.49 -18.80 2.31
N ILE A 114 -23.17 -18.73 3.60
CA ILE A 114 -23.05 -17.47 4.38
C ILE A 114 -21.78 -17.57 5.21
N MET A 115 -20.97 -16.52 5.21
CA MET A 115 -19.73 -16.41 6.02
C MET A 115 -19.97 -15.29 7.04
N VAL A 116 -19.87 -15.63 8.30
CA VAL A 116 -19.88 -14.66 9.41
C VAL A 116 -18.39 -14.43 9.71
N LEU A 117 -17.93 -13.23 9.38
CA LEU A 117 -16.53 -12.81 9.63
C LEU A 117 -16.56 -11.84 10.80
N THR A 118 -15.95 -12.25 11.91
CA THR A 118 -15.81 -11.46 13.15
C THR A 118 -14.38 -10.97 13.25
N ASN A 119 -14.18 -9.88 13.96
CA ASN A 119 -12.85 -9.28 14.13
C ASN A 119 -12.94 -8.39 15.35
N ALA A 120 -11.77 -8.12 15.93
CA ALA A 120 -11.57 -7.01 16.88
C ALA A 120 -11.39 -5.74 16.07
N ALA A 121 -11.73 -4.59 16.64
CA ALA A 121 -11.51 -3.27 15.99
C ALA A 121 -11.43 -2.14 17.02
N GLY A 122 -10.63 -1.12 16.71
CA GLY A 122 -10.75 0.21 17.33
C GLY A 122 -11.96 0.94 16.77
N GLY A 123 -12.71 1.61 17.65
CA GLY A 123 -13.78 2.55 17.25
C GLY A 123 -13.21 3.91 16.93
N LEU A 124 -13.65 4.52 15.82
CA LEU A 124 -13.21 5.85 15.36
C LEU A 124 -14.33 6.89 15.54
N ARG A 125 -15.53 6.44 15.90
CA ARG A 125 -16.78 7.24 15.90
C ARG A 125 -17.12 7.48 17.37
N ALA A 126 -17.35 8.75 17.72
CA ALA A 126 -17.68 9.28 19.06
C ALA A 126 -18.66 8.35 19.79
N ASP A 127 -19.59 7.71 19.07
CA ASP A 127 -20.78 7.02 19.63
C ASP A 127 -20.49 5.54 19.85
N LEU A 128 -19.28 5.05 19.57
CA LEU A 128 -18.93 3.63 19.78
C LEU A 128 -18.34 3.47 21.18
N GLN A 129 -18.55 2.32 21.82
CA GLN A 129 -18.04 2.02 23.18
C GLN A 129 -17.23 0.74 23.14
N VAL A 130 -16.34 0.60 24.10
CA VAL A 130 -15.59 -0.66 24.27
C VAL A 130 -16.61 -1.70 24.70
N GLY A 131 -16.55 -2.89 24.09
CA GLY A 131 -17.48 -3.99 24.35
C GLY A 131 -18.67 -3.98 23.41
N GLN A 132 -18.80 -3.00 22.52
CA GLN A 132 -19.96 -2.89 21.59
C GLN A 132 -19.71 -3.69 20.30
N PRO A 133 -20.63 -4.60 19.91
CA PRO A 133 -20.61 -5.24 18.60
C PRO A 133 -21.21 -4.27 17.58
N VAL A 134 -20.59 -4.19 16.42
CA VAL A 134 -20.95 -3.25 15.33
C VAL A 134 -20.99 -4.06 14.05
N LEU A 135 -22.10 -3.99 13.32
CA LEU A 135 -22.24 -4.66 12.01
C LEU A 135 -21.36 -3.86 11.07
N ILE A 136 -20.69 -4.56 10.16
CA ILE A 136 -19.88 -3.92 9.09
C ILE A 136 -20.80 -3.63 7.89
N SER A 137 -20.92 -2.37 7.49
CA SER A 137 -21.80 -1.90 6.40
C SER A 137 -20.97 -1.95 5.12
N ASP A 138 -19.67 -1.69 5.24
CA ASP A 138 -18.72 -1.66 4.10
C ASP A 138 -17.30 -1.67 4.65
N HIS A 139 -16.33 -1.83 3.75
CA HIS A 139 -14.89 -1.80 4.09
C HIS A 139 -14.10 -0.85 3.19
N LEU A 140 -12.96 -0.42 3.73
CA LEU A 140 -11.81 0.24 3.07
C LEU A 140 -10.65 -0.74 3.15
N ASN A 141 -10.30 -1.34 2.02
CA ASN A 141 -9.08 -2.16 1.90
C ASN A 141 -7.90 -1.20 1.73
N LEU A 142 -7.14 -0.97 2.80
CA LEU A 142 -5.98 -0.04 2.77
C LEU A 142 -4.68 -0.86 2.88
N THR A 143 -4.67 -2.10 2.38
CA THR A 143 -3.51 -3.03 2.46
C THR A 143 -2.72 -3.00 1.13
N ALA A 144 -3.31 -2.43 0.08
CA ALA A 144 -2.75 -2.35 -1.29
C ALA A 144 -2.56 -3.77 -1.86
N ARG A 145 -3.36 -4.73 -1.38
CA ARG A 145 -3.30 -6.13 -1.85
C ARG A 145 -4.71 -6.62 -2.14
N SER A 146 -4.79 -7.74 -2.85
CA SER A 146 -6.01 -8.50 -3.17
C SER A 146 -5.72 -9.98 -2.98
N PRO A 147 -6.66 -10.81 -2.50
CA PRO A 147 -6.49 -12.26 -2.55
C PRO A 147 -6.67 -12.87 -3.95
N LEU A 148 -7.13 -12.07 -4.91
CA LEU A 148 -7.38 -12.53 -6.30
C LEU A 148 -6.12 -12.25 -7.13
N VAL A 149 -5.75 -13.16 -8.02
CA VAL A 149 -4.57 -13.03 -8.92
C VAL A 149 -5.06 -13.15 -10.36
N GLY A 150 -4.37 -12.53 -11.32
CA GLY A 150 -4.83 -12.50 -12.73
C GLY A 150 -6.19 -11.82 -12.83
N GLY A 151 -6.78 -11.78 -14.03
CA GLY A 151 -7.99 -11.01 -14.33
C GLY A 151 -9.24 -11.57 -13.67
N GLU A 152 -9.28 -11.60 -12.33
CA GLU A 152 -10.43 -12.16 -11.57
C GLU A 152 -11.27 -10.99 -11.03
N PHE A 153 -12.10 -10.39 -11.89
CA PHE A 153 -12.82 -9.12 -11.61
C PHE A 153 -14.05 -9.47 -10.77
N VAL A 154 -14.21 -8.83 -9.61
CA VAL A 154 -15.33 -9.11 -8.68
C VAL A 154 -15.94 -7.77 -8.24
N ASP A 155 -17.27 -7.69 -8.21
CA ASP A 155 -17.98 -6.49 -7.72
C ASP A 155 -18.14 -6.57 -6.21
N LEU A 156 -17.80 -5.49 -5.53
CA LEU A 156 -17.84 -5.42 -4.05
C LEU A 156 -18.95 -4.46 -3.62
N THR A 157 -19.93 -4.22 -4.49
CA THR A 157 -21.20 -3.59 -4.07
C THR A 157 -21.91 -4.58 -3.16
N ASP A 158 -22.44 -4.10 -2.04
CA ASP A 158 -23.19 -4.93 -1.08
C ASP A 158 -22.34 -6.17 -0.69
N ALA A 159 -21.03 -6.01 -0.53
CA ALA A 159 -20.16 -7.11 -0.06
C ALA A 159 -20.68 -7.62 1.28
N TYR A 160 -21.14 -6.72 2.15
CA TYR A 160 -21.76 -7.05 3.46
C TYR A 160 -23.27 -7.02 3.22
N SER A 161 -23.85 -8.21 2.93
CA SER A 161 -25.27 -8.35 2.53
C SER A 161 -26.14 -7.44 3.39
N PRO A 162 -26.85 -6.45 2.80
CA PRO A 162 -27.87 -5.69 3.54
C PRO A 162 -28.95 -6.61 4.12
N ARG A 163 -29.23 -7.73 3.46
CA ARG A 163 -30.22 -8.75 3.91
C ARG A 163 -29.81 -9.28 5.29
N LEU A 164 -28.56 -9.71 5.45
CA LEU A 164 -28.10 -10.40 6.68
C LEU A 164 -28.04 -9.37 7.81
N ARG A 165 -27.89 -8.10 7.48
CA ARG A 165 -27.84 -6.99 8.47
C ARG A 165 -29.28 -6.68 8.97
N GLU A 166 -30.28 -6.74 8.08
CA GLU A 166 -31.72 -6.71 8.46
C GLU A 166 -31.98 -7.83 9.48
N LEU A 167 -31.53 -9.07 9.22
CA LEU A 167 -31.82 -10.23 10.10
C LEU A 167 -31.15 -10.06 11.46
N ALA A 168 -29.89 -9.64 11.46
CA ALA A 168 -29.12 -9.24 12.65
C ALA A 168 -29.94 -8.24 13.49
N ARG A 169 -30.53 -7.22 12.84
CA ARG A 169 -31.30 -6.14 13.53
C ARG A 169 -32.69 -6.67 13.94
N GLN A 170 -33.16 -7.77 13.35
CA GLN A 170 -34.35 -8.48 13.89
C GLN A 170 -33.98 -9.14 15.23
N SER A 171 -32.73 -9.58 15.36
CA SER A 171 -32.17 -10.12 16.62
C SER A 171 -31.99 -9.01 17.66
N ASP A 172 -31.52 -7.83 17.23
CA ASP A 172 -31.22 -6.68 18.15
C ASP A 172 -31.34 -5.37 17.38
N PRO A 173 -32.48 -4.66 17.51
CA PRO A 173 -32.74 -3.53 16.63
C PRO A 173 -31.75 -2.37 16.89
N GLN A 174 -30.98 -2.43 17.97
CA GLN A 174 -30.07 -1.32 18.38
C GLN A 174 -28.65 -1.57 17.85
N LEU A 175 -28.38 -2.70 17.21
CA LEU A 175 -27.06 -2.95 16.57
C LEU A 175 -26.71 -1.79 15.65
N ALA A 176 -25.58 -1.12 15.92
CA ALA A 176 -25.02 -0.04 15.08
C ALA A 176 -24.27 -0.63 13.88
N GLU A 177 -24.12 0.18 12.83
CA GLU A 177 -23.41 -0.16 11.57
C GLU A 177 -22.18 0.72 11.43
N GLY A 178 -21.10 0.22 10.82
CA GLY A 178 -19.92 1.04 10.54
C GLY A 178 -19.08 0.52 9.38
N VAL A 179 -18.28 1.41 8.81
CA VAL A 179 -17.25 1.10 7.77
C VAL A 179 -15.99 0.64 8.49
N TYR A 180 -15.49 -0.53 8.11
CA TYR A 180 -14.29 -1.18 8.69
C TYR A 180 -13.11 -0.89 7.76
N ALA A 181 -12.09 -0.23 8.29
CA ALA A 181 -10.79 -0.02 7.63
C ALA A 181 -9.90 -1.21 7.96
N GLY A 182 -9.57 -2.05 6.97
CA GLY A 182 -8.59 -3.13 7.07
C GLY A 182 -7.19 -2.64 6.77
N LEU A 183 -6.29 -2.69 7.76
CA LEU A 183 -4.87 -2.28 7.61
C LEU A 183 -3.98 -3.51 7.72
N PRO A 184 -2.73 -3.43 7.21
CA PRO A 184 -1.81 -4.57 7.25
C PRO A 184 -1.44 -4.99 8.68
N GLY A 185 -1.27 -4.01 9.57
CA GLY A 185 -0.75 -4.25 10.93
C GLY A 185 0.70 -4.74 10.87
N PRO A 186 1.26 -5.28 11.96
CA PRO A 186 0.56 -5.44 13.24
C PRO A 186 0.66 -4.29 14.24
N HIS A 187 1.46 -3.28 13.91
CA HIS A 187 1.53 -2.04 14.71
C HIS A 187 0.12 -1.41 14.75
N TYR A 188 -0.27 -0.85 15.88
CA TYR A 188 -1.47 0.02 16.00
C TYR A 188 -1.16 1.33 15.27
N GLU A 189 -2.18 2.13 15.00
CA GLU A 189 -2.10 3.37 14.20
C GLU A 189 -1.63 4.54 15.07
N THR A 190 -0.96 5.50 14.45
CA THR A 190 -0.70 6.81 15.10
C THR A 190 -2.01 7.60 15.21
N PRO A 191 -2.12 8.54 16.16
CA PRO A 191 -3.29 9.42 16.23
C PRO A 191 -3.51 10.14 14.90
N ALA A 192 -2.45 10.43 14.14
CA ALA A 192 -2.55 11.14 12.84
C ALA A 192 -3.16 10.17 11.82
N GLU A 193 -2.70 8.91 11.82
CA GLU A 193 -3.29 7.86 10.94
C GLU A 193 -4.80 7.73 11.23
N ILE A 194 -5.22 7.91 12.48
CA ILE A 194 -6.64 7.75 12.89
C ILE A 194 -7.45 8.95 12.41
N ARG A 195 -6.91 10.17 12.55
CA ARG A 195 -7.56 11.38 11.99
C ARG A 195 -7.69 11.22 10.46
N MET A 196 -6.70 10.63 9.81
CA MET A 196 -6.74 10.35 8.35
C MET A 196 -7.92 9.41 8.04
N LEU A 197 -8.02 8.32 8.81
CA LEU A 197 -9.07 7.28 8.63
C LEU A 197 -10.45 7.89 8.88
N GLN A 198 -10.55 8.85 9.81
CA GLN A 198 -11.83 9.54 10.04
C GLN A 198 -12.21 10.33 8.79
N THR A 199 -11.25 11.01 8.17
CA THR A 199 -11.49 11.80 6.95
C THR A 199 -11.92 10.88 5.81
N LEU A 200 -11.43 9.65 5.76
CA LEU A 200 -11.70 8.69 4.64
C LEU A 200 -12.99 7.90 4.84
N GLY A 201 -13.76 8.15 5.92
CA GLY A 201 -15.10 7.55 6.13
C GLY A 201 -15.07 6.29 6.99
N ALA A 202 -13.95 5.98 7.66
CA ALA A 202 -13.83 4.76 8.50
C ALA A 202 -14.48 5.00 9.88
N ASP A 203 -15.24 4.00 10.34
CA ASP A 203 -15.85 3.96 11.68
C ASP A 203 -15.09 2.98 12.55
N LEU A 204 -14.39 2.03 11.95
CA LEU A 204 -13.77 0.90 12.66
C LEU A 204 -12.42 0.66 12.01
N VAL A 205 -11.42 0.21 12.78
CA VAL A 205 -10.07 -0.10 12.25
C VAL A 205 -9.60 -1.45 12.78
N GLY A 206 -9.16 -2.31 11.87
CA GLY A 206 -8.62 -3.63 12.23
C GLY A 206 -7.54 -4.09 11.27
N MET A 207 -7.19 -5.36 11.35
CA MET A 207 -6.01 -5.97 10.69
C MET A 207 -6.39 -7.29 10.00
N SER A 208 -7.67 -7.51 9.70
CA SER A 208 -8.21 -8.76 9.12
C SER A 208 -9.35 -8.50 8.10
N THR A 209 -10.09 -9.56 7.76
CA THR A 209 -11.47 -9.51 7.23
C THR A 209 -11.52 -9.12 5.74
N VAL A 210 -10.99 -7.97 5.31
CA VAL A 210 -11.23 -7.42 3.94
C VAL A 210 -10.87 -8.47 2.87
N HIS A 211 -9.81 -9.27 3.05
CA HIS A 211 -9.39 -10.26 2.02
C HIS A 211 -10.38 -11.44 2.04
N GLU A 212 -10.82 -11.83 3.23
CA GLU A 212 -11.80 -12.92 3.41
C GLU A 212 -13.10 -12.47 2.73
N THR A 213 -13.49 -11.21 2.88
CA THR A 213 -14.74 -10.70 2.25
C THR A 213 -14.60 -10.81 0.72
N ILE A 214 -13.48 -10.37 0.17
CA ILE A 214 -13.27 -10.37 -1.30
C ILE A 214 -13.34 -11.81 -1.81
N ALA A 215 -12.65 -12.74 -1.12
CA ALA A 215 -12.56 -14.15 -1.53
C ALA A 215 -13.95 -14.78 -1.44
N ALA A 216 -14.70 -14.45 -0.39
CA ALA A 216 -16.08 -14.95 -0.15
C ALA A 216 -17.01 -14.43 -1.26
N ARG A 217 -16.89 -13.17 -1.62
CA ARG A 217 -17.77 -12.58 -2.65
C ARG A 217 -17.38 -13.17 -4.01
N ALA A 218 -16.08 -13.37 -4.28
CA ALA A 218 -15.62 -13.94 -5.58
C ALA A 218 -16.20 -15.35 -5.75
N ALA A 219 -16.35 -16.11 -4.67
CA ALA A 219 -16.89 -17.49 -4.70
C ALA A 219 -18.43 -17.47 -4.72
N GLY A 220 -19.05 -16.31 -4.47
CA GLY A 220 -20.51 -16.17 -4.53
C GLY A 220 -21.18 -16.30 -3.17
N ALA A 221 -20.43 -16.43 -2.07
CA ALA A 221 -21.01 -16.51 -0.72
C ALA A 221 -21.49 -15.13 -0.26
N GLU A 222 -22.52 -15.08 0.56
CA GLU A 222 -22.98 -13.87 1.30
C GLU A 222 -22.15 -13.70 2.57
N VAL A 223 -21.92 -12.44 2.97
CA VAL A 223 -21.05 -12.07 4.11
C VAL A 223 -21.88 -11.26 5.12
N LEU A 224 -21.79 -11.64 6.39
CA LEU A 224 -22.07 -10.76 7.55
C LEU A 224 -20.75 -10.49 8.26
N GLY A 225 -20.39 -9.21 8.40
CA GLY A 225 -19.21 -8.77 9.17
C GLY A 225 -19.64 -8.19 10.52
N VAL A 226 -18.99 -8.61 11.61
CA VAL A 226 -19.22 -8.05 12.98
C VAL A 226 -17.88 -7.71 13.64
N SER A 227 -17.67 -6.43 13.94
CA SER A 227 -16.55 -5.96 14.79
C SER A 227 -16.98 -6.02 16.24
N LEU A 228 -16.04 -6.39 17.11
CA LEU A 228 -16.04 -6.02 18.55
C LEU A 228 -15.10 -4.84 18.75
N VAL A 229 -15.62 -3.72 19.24
CA VAL A 229 -14.86 -2.50 19.60
C VAL A 229 -14.08 -2.85 20.87
N THR A 230 -12.80 -3.18 20.73
CA THR A 230 -11.92 -3.64 21.84
C THR A 230 -11.25 -2.46 22.51
N ASN A 231 -11.32 -1.28 21.89
CA ASN A 231 -10.64 -0.04 22.34
C ASN A 231 -11.17 1.08 21.45
N LEU A 232 -11.17 2.31 21.96
CA LEU A 232 -11.20 3.51 21.10
C LEU A 232 -9.83 3.65 20.43
N ALA A 233 -9.81 4.14 19.17
CA ALA A 233 -8.60 4.19 18.30
C ALA A 233 -7.60 5.22 18.84
N ALA A 234 -6.33 5.04 18.50
CA ALA A 234 -5.21 5.90 18.95
C ALA A 234 -5.62 7.37 18.86
N GLY A 235 -5.26 8.15 19.88
CA GLY A 235 -5.44 9.61 19.90
C GLY A 235 -6.82 10.02 20.37
N ILE A 236 -7.74 9.10 20.56
CA ILE A 236 -9.16 9.47 20.86
C ILE A 236 -9.30 9.78 22.36
N THR A 237 -8.71 8.97 23.25
CA THR A 237 -8.90 9.09 24.72
C THR A 237 -7.94 10.15 25.29
N GLY A 238 -6.82 10.43 24.64
CA GLY A 238 -5.69 11.20 25.23
C GLY A 238 -4.76 10.31 26.06
N GLU A 239 -5.12 9.05 26.30
CA GLU A 239 -4.23 8.02 26.87
C GLU A 239 -3.72 7.12 25.75
N PRO A 240 -2.57 6.45 25.94
CA PRO A 240 -2.12 5.46 24.97
C PRO A 240 -3.06 4.24 24.90
N LEU A 241 -2.95 3.42 23.85
CA LEU A 241 -3.62 2.11 23.74
C LEU A 241 -2.91 1.14 24.69
N SER A 242 -3.70 0.47 25.53
CA SER A 242 -3.27 -0.69 26.34
C SER A 242 -3.53 -1.95 25.55
N HIS A 243 -2.49 -2.68 25.14
CA HIS A 243 -2.69 -3.97 24.41
C HIS A 243 -3.26 -5.03 25.38
N ALA A 244 -3.01 -4.90 26.69
CA ALA A 244 -3.59 -5.78 27.72
C ALA A 244 -5.13 -5.59 27.79
N GLU A 245 -5.62 -4.35 27.85
CA GLU A 245 -7.08 -4.06 27.85
C GLU A 245 -7.71 -4.62 26.57
N VAL A 246 -6.99 -4.58 25.44
CA VAL A 246 -7.47 -5.05 24.10
C VAL A 246 -7.54 -6.57 24.09
N LEU A 247 -6.47 -7.24 24.50
CA LEU A 247 -6.38 -8.73 24.49
C LEU A 247 -7.49 -9.31 25.38
N ALA A 248 -7.89 -8.58 26.42
CA ALA A 248 -8.86 -9.06 27.43
C ALA A 248 -10.29 -8.64 27.06
N ALA A 249 -10.48 -7.82 26.03
CA ALA A 249 -11.80 -7.19 25.74
C ALA A 249 -12.86 -8.26 25.45
N GLY A 250 -12.51 -9.32 24.72
CA GLY A 250 -13.47 -10.37 24.33
C GLY A 250 -14.08 -11.07 25.54
N ALA A 251 -13.29 -11.41 26.55
CA ALA A 251 -13.76 -12.06 27.80
C ALA A 251 -14.87 -11.25 28.50
N ALA A 252 -14.81 -9.91 28.45
CA ALA A 252 -15.82 -9.04 29.08
C ALA A 252 -17.18 -9.12 28.37
N SER A 253 -17.24 -9.76 27.21
CA SER A 253 -18.44 -9.74 26.32
C SER A 253 -18.81 -11.12 25.77
N ALA A 254 -18.19 -12.20 26.25
CA ALA A 254 -18.26 -13.57 25.67
C ALA A 254 -19.70 -14.06 25.50
N THR A 255 -20.46 -14.08 26.59
CA THR A 255 -21.82 -14.66 26.67
C THR A 255 -22.75 -13.87 25.76
N ARG A 256 -22.66 -12.55 25.85
CA ARG A 256 -23.46 -11.54 25.09
C ARG A 256 -23.20 -11.71 23.60
N MET A 257 -21.94 -11.92 23.21
CA MET A 257 -21.52 -12.05 21.79
CA MET A 257 -21.48 -12.07 21.79
C MET A 257 -21.92 -13.43 21.24
N GLY A 258 -21.62 -14.50 21.99
CA GLY A 258 -22.00 -15.88 21.64
C GLY A 258 -23.51 -15.97 21.46
N ALA A 259 -24.27 -15.43 22.42
CA ALA A 259 -25.75 -15.39 22.36
C ALA A 259 -26.18 -14.67 21.08
N LEU A 260 -25.58 -13.52 20.76
CA LEU A 260 -25.94 -12.71 19.57
C LEU A 260 -25.73 -13.53 18.29
N LEU A 261 -24.57 -14.17 18.12
CA LEU A 261 -24.24 -14.91 16.88
C LEU A 261 -25.24 -16.06 16.69
N ALA A 262 -25.54 -16.77 17.78
CA ALA A 262 -26.43 -17.96 17.79
C ALA A 262 -27.86 -17.52 17.45
N ASP A 263 -28.29 -16.37 17.94
CA ASP A 263 -29.66 -15.86 17.64
C ASP A 263 -29.76 -15.46 16.16
N VAL A 264 -28.71 -14.82 15.64
CA VAL A 264 -28.70 -14.25 14.26
C VAL A 264 -28.56 -15.38 13.25
N ILE A 265 -27.76 -16.40 13.54
CA ILE A 265 -27.52 -17.54 12.59
C ILE A 265 -28.81 -18.36 12.48
N ALA A 266 -29.54 -18.48 13.59
CA ALA A 266 -30.84 -19.18 13.70
C ALA A 266 -31.85 -18.54 12.73
N ARG A 267 -31.71 -17.24 12.45
CA ARG A 267 -32.65 -16.46 11.59
C ARG A 267 -32.26 -16.58 10.11
N PHE A 268 -31.08 -17.12 9.78
CA PHE A 268 -30.69 -17.36 8.37
C PHE A 268 -31.49 -18.55 7.85
N ASP B 7 16.05 -14.49 13.08
CA ASP B 7 15.88 -13.67 14.31
C ASP B 7 16.57 -12.32 14.10
N PRO B 8 15.82 -11.24 13.77
CA PRO B 8 16.36 -9.88 13.78
C PRO B 8 17.07 -9.55 15.11
N ASP B 9 16.54 -10.05 16.24
CA ASP B 9 17.03 -9.69 17.60
C ASP B 9 18.42 -10.28 17.86
N GLU B 10 18.73 -11.47 17.32
CA GLU B 10 20.08 -12.10 17.45
C GLU B 10 21.11 -11.26 16.68
N LEU B 11 20.76 -10.86 15.46
CA LEU B 11 21.67 -10.11 14.57
C LEU B 11 21.91 -8.72 15.17
N ALA B 12 20.88 -8.15 15.79
CA ALA B 12 20.94 -6.84 16.47
C ALA B 12 21.91 -6.96 17.65
N ARG B 13 21.76 -8.00 18.48
CA ARG B 13 22.65 -8.24 19.65
C ARG B 13 24.09 -8.37 19.16
N ARG B 14 24.30 -9.12 18.09
CA ARG B 14 25.64 -9.52 17.61
C ARG B 14 26.31 -8.28 17.01
N ALA B 15 25.53 -7.44 16.32
CA ALA B 15 26.03 -6.13 15.82
C ALA B 15 26.46 -5.25 17.01
N ALA B 16 25.68 -5.23 18.11
CA ALA B 16 25.95 -4.42 19.32
C ALA B 16 27.25 -4.88 19.99
N GLN B 17 27.47 -6.20 20.10
CA GLN B 17 28.73 -6.79 20.64
C GLN B 17 29.90 -6.30 19.80
N VAL B 18 29.82 -6.35 18.46
CA VAL B 18 30.93 -5.92 17.57
C VAL B 18 31.10 -4.39 17.64
N ILE B 19 30.02 -3.63 17.77
CA ILE B 19 30.11 -2.15 17.93
C ILE B 19 30.90 -1.87 19.21
N ALA B 20 30.57 -2.60 20.28
CA ALA B 20 31.18 -2.44 21.62
C ALA B 20 32.68 -2.73 21.55
N ASP B 21 33.06 -3.80 20.85
CA ASP B 21 34.47 -4.29 20.80
C ASP B 21 35.31 -3.35 19.91
N ARG B 22 34.75 -2.78 18.84
CA ARG B 22 35.55 -1.99 17.87
C ARG B 22 35.56 -0.52 18.25
N THR B 23 34.55 -0.03 18.96
CA THR B 23 34.58 1.34 19.52
C THR B 23 35.25 1.31 20.90
N GLY B 24 35.40 0.12 21.49
CA GLY B 24 35.87 -0.02 22.87
C GLY B 24 34.94 0.66 23.85
N ILE B 25 33.70 0.96 23.44
CA ILE B 25 32.63 1.60 24.27
C ILE B 25 31.55 0.55 24.57
N GLY B 26 31.39 0.18 25.83
CA GLY B 26 30.44 -0.84 26.28
C GLY B 26 28.98 -0.50 25.95
N GLU B 27 28.59 0.78 25.98
CA GLU B 27 27.17 1.20 25.95
C GLU B 27 27.06 2.61 25.32
N HIS B 28 26.17 2.82 24.34
CA HIS B 28 25.78 4.16 23.83
C HIS B 28 24.32 4.41 24.20
N ASP B 29 24.01 5.52 24.88
CA ASP B 29 22.64 5.79 25.43
C ASP B 29 21.78 6.51 24.37
N VAL B 30 22.40 7.04 23.32
CA VAL B 30 21.69 7.85 22.28
C VAL B 30 22.21 7.41 20.93
N ALA B 31 21.34 7.29 19.93
CA ALA B 31 21.73 6.97 18.54
C ALA B 31 21.15 8.02 17.61
N VAL B 32 21.92 8.43 16.60
CA VAL B 32 21.45 9.37 15.54
C VAL B 32 21.58 8.70 14.17
N VAL B 33 20.47 8.64 13.43
CA VAL B 33 20.48 8.21 12.00
C VAL B 33 20.49 9.49 11.16
N LEU B 34 21.61 9.76 10.48
CA LEU B 34 21.75 10.91 9.55
C LEU B 34 21.37 10.42 8.15
N GLY B 35 20.31 10.97 7.57
CA GLY B 35 19.88 10.62 6.21
C GLY B 35 20.53 11.53 5.19
N SER B 36 20.00 11.49 3.96
CA SER B 36 20.35 12.41 2.84
C SER B 36 20.24 13.86 3.32
N GLY B 37 21.27 14.66 3.05
CA GLY B 37 21.24 16.11 3.31
C GLY B 37 21.36 16.44 4.78
N TRP B 38 21.67 15.44 5.62
CA TRP B 38 22.15 15.66 7.02
C TRP B 38 23.63 15.30 7.11
N LEU B 39 24.15 14.50 6.19
CA LEU B 39 25.55 13.98 6.20
C LEU B 39 26.55 15.12 6.34
N PRO B 40 26.37 16.25 5.63
CA PRO B 40 27.16 17.45 5.91
C PRO B 40 27.26 17.83 7.41
N ALA B 41 26.17 17.65 8.17
CA ALA B 41 26.07 18.08 9.59
C ALA B 41 26.90 17.17 10.51
N VAL B 42 27.48 16.08 10.00
CA VAL B 42 28.14 15.05 10.85
C VAL B 42 29.34 15.69 11.59
N ALA B 43 30.13 16.52 10.91
CA ALA B 43 31.34 17.17 11.47
C ALA B 43 30.97 17.95 12.74
N ALA B 44 29.94 18.79 12.68
CA ALA B 44 29.59 19.77 13.75
C ALA B 44 28.85 19.08 14.91
N LEU B 45 28.61 17.77 14.85
CA LEU B 45 28.01 17.02 15.99
C LEU B 45 29.04 16.97 17.13
N GLY B 46 30.34 16.96 16.81
CA GLY B 46 31.44 16.94 17.78
C GLY B 46 32.59 16.08 17.29
N SER B 47 33.67 16.03 18.06
CA SER B 47 34.89 15.28 17.71
C SER B 47 34.63 13.80 17.99
N PRO B 48 34.61 12.89 16.98
CA PRO B 48 34.36 11.47 17.25
C PRO B 48 35.52 10.86 18.05
N THR B 49 35.22 9.97 19.00
CA THR B 49 36.21 9.13 19.72
C THR B 49 36.76 8.08 18.75
N THR B 50 35.85 7.50 17.94
CA THR B 50 36.09 6.38 16.99
C THR B 50 35.20 6.56 15.78
N VAL B 51 35.65 6.05 14.62
CA VAL B 51 34.85 5.91 13.37
C VAL B 51 35.08 4.51 12.80
N LEU B 52 34.01 3.84 12.36
CA LEU B 52 34.01 2.52 11.69
C LEU B 52 33.19 2.60 10.40
N PRO B 53 33.52 1.76 9.37
CA PRO B 53 32.64 1.57 8.22
C PRO B 53 31.46 0.71 8.67
N GLN B 54 30.23 1.11 8.34
CA GLN B 54 29.00 0.31 8.56
C GLN B 54 29.15 -1.08 7.92
N ALA B 55 29.83 -1.18 6.78
CA ALA B 55 30.13 -2.45 6.08
C ALA B 55 30.79 -3.47 7.03
N GLU B 56 31.58 -3.04 8.00
CA GLU B 56 32.35 -3.97 8.89
C GLU B 56 31.41 -4.61 9.92
N LEU B 57 30.18 -4.11 10.09
CA LEU B 57 29.24 -4.52 11.16
C LEU B 57 28.30 -5.60 10.66
N PRO B 58 28.02 -6.64 11.47
CA PRO B 58 27.08 -7.69 11.10
C PRO B 58 25.66 -7.15 10.83
N GLY B 59 25.12 -7.49 9.65
CA GLY B 59 23.74 -7.22 9.28
C GLY B 59 23.57 -5.91 8.56
N PHE B 60 24.60 -5.07 8.50
CA PHE B 60 24.50 -3.74 7.86
C PHE B 60 24.68 -3.93 6.37
N VAL B 61 23.71 -3.47 5.59
CA VAL B 61 23.81 -3.35 4.11
C VAL B 61 24.48 -1.99 3.85
N PRO B 62 25.51 -1.92 2.97
CA PRO B 62 26.08 -0.63 2.53
C PRO B 62 25.07 0.41 2.05
N PRO B 63 24.87 1.54 2.76
CA PRO B 63 24.05 2.66 2.25
C PRO B 63 24.58 3.24 0.92
N THR B 64 23.72 3.31 -0.11
CA THR B 64 24.10 3.60 -1.52
C THR B 64 23.58 4.97 -2.00
N ALA B 65 22.70 5.63 -1.23
CA ALA B 65 22.02 6.90 -1.60
C ALA B 65 23.04 8.04 -1.72
N ALA B 66 22.59 9.26 -2.04
CA ALA B 66 23.43 10.45 -2.36
C ALA B 66 24.02 11.08 -1.08
N GLY B 67 25.35 11.05 -0.93
CA GLY B 67 26.09 11.57 0.23
C GLY B 67 26.43 10.47 1.22
N HIS B 68 25.51 9.51 1.38
CA HIS B 68 25.52 8.37 2.35
C HIS B 68 26.91 7.71 2.36
N ALA B 69 27.64 7.83 3.49
CA ALA B 69 29.05 7.41 3.64
C ALA B 69 29.15 5.93 4.05
N GLY B 70 28.14 5.42 4.76
CA GLY B 70 28.17 4.12 5.44
C GLY B 70 29.12 4.16 6.63
N GLU B 71 29.16 5.26 7.38
CA GLU B 71 30.08 5.37 8.55
C GLU B 71 29.32 5.29 9.87
N LEU B 72 30.00 4.74 10.89
CA LEU B 72 29.57 4.78 12.31
C LEU B 72 30.58 5.62 13.09
N LEU B 73 30.09 6.60 13.82
CA LEU B 73 30.91 7.50 14.66
C LEU B 73 30.42 7.36 16.10
N SER B 74 31.33 7.11 17.05
CA SER B 74 31.08 7.17 18.51
C SER B 74 31.43 8.59 18.94
N VAL B 75 30.43 9.40 19.31
CA VAL B 75 30.64 10.85 19.65
C VAL B 75 30.15 11.11 21.08
N PRO B 76 31.01 11.69 21.96
CA PRO B 76 30.55 12.24 23.22
C PRO B 76 29.80 13.55 22.94
N ILE B 77 28.62 13.72 23.53
CA ILE B 77 27.85 14.99 23.47
C ILE B 77 27.17 15.17 24.83
N GLY B 78 27.53 16.24 25.53
CA GLY B 78 27.18 16.45 26.94
C GLY B 78 27.46 15.19 27.71
N ALA B 79 26.52 14.75 28.51
CA ALA B 79 26.64 13.54 29.38
C ALA B 79 26.27 12.28 28.59
N HIS B 80 26.17 12.38 27.26
CA HIS B 80 25.70 11.26 26.39
C HIS B 80 26.83 10.74 25.52
N ARG B 81 26.84 9.42 25.33
CA ARG B 81 27.76 8.67 24.44
C ARG B 81 26.94 8.30 23.20
N VAL B 82 27.18 9.01 22.10
CA VAL B 82 26.21 9.05 20.97
C VAL B 82 26.73 8.15 19.85
N LEU B 83 25.90 7.20 19.42
CA LEU B 83 26.11 6.32 18.25
C LEU B 83 25.51 7.02 17.04
N VAL B 84 26.35 7.59 16.17
CA VAL B 84 25.89 8.31 14.94
C VAL B 84 26.06 7.38 13.75
N LEU B 85 24.93 7.04 13.11
CA LEU B 85 24.89 6.26 11.85
C LEU B 85 24.79 7.24 10.69
N ALA B 86 25.93 7.51 10.04
CA ALA B 86 26.04 8.45 8.91
C ALA B 86 25.63 7.69 7.65
N GLY B 87 24.36 7.82 7.29
CA GLY B 87 23.74 7.04 6.20
C GLY B 87 22.79 5.97 6.72
N ARG B 88 21.77 5.64 5.93
CA ARG B 88 20.76 4.59 6.20
C ARG B 88 20.47 3.83 4.89
N ILE B 89 19.68 2.77 5.03
CA ILE B 89 19.19 1.86 3.97
C ILE B 89 17.75 2.30 3.68
N HIS B 90 17.37 2.45 2.41
CA HIS B 90 16.00 2.86 2.04
C HIS B 90 15.20 1.65 1.54
N ALA B 91 13.90 1.63 1.82
CA ALA B 91 12.95 0.60 1.34
C ALA B 91 12.91 0.60 -0.20
N TYR B 92 13.15 1.75 -0.85
CA TYR B 92 13.08 1.90 -2.33
C TYR B 92 14.25 1.18 -3.00
N GLU B 93 15.29 0.81 -2.25
CA GLU B 93 16.41 -0.01 -2.75
C GLU B 93 15.93 -1.45 -2.92
N GLY B 94 14.74 -1.80 -2.40
CA GLY B 94 14.10 -3.12 -2.58
C GLY B 94 14.33 -4.08 -1.41
N HIS B 95 15.00 -3.67 -0.32
CA HIS B 95 15.37 -4.53 0.84
C HIS B 95 14.15 -4.83 1.72
N ASP B 96 14.10 -6.07 2.22
CA ASP B 96 13.23 -6.46 3.34
C ASP B 96 13.44 -5.46 4.48
N LEU B 97 12.35 -5.13 5.19
CA LEU B 97 12.36 -4.05 6.20
C LEU B 97 13.23 -4.48 7.39
N ARG B 98 13.50 -5.78 7.56
CA ARG B 98 14.40 -6.31 8.63
C ARG B 98 15.78 -5.66 8.47
N TYR B 99 16.21 -5.40 7.23
CA TYR B 99 17.52 -4.78 6.91
C TYR B 99 17.46 -3.27 7.10
N VAL B 100 16.33 -2.64 6.79
CA VAL B 100 16.12 -1.16 6.89
C VAL B 100 16.22 -0.74 8.37
N VAL B 101 15.56 -1.50 9.26
CA VAL B 101 15.42 -1.16 10.70
C VAL B 101 16.51 -1.86 11.53
N HIS B 102 17.32 -2.74 10.96
CA HIS B 102 18.44 -3.41 11.66
C HIS B 102 19.32 -2.37 12.37
N PRO B 103 19.79 -1.30 11.70
CA PRO B 103 20.56 -0.27 12.40
C PRO B 103 19.90 0.24 13.69
N VAL B 104 18.61 0.51 13.65
CA VAL B 104 17.89 1.02 14.85
C VAL B 104 17.93 -0.09 15.91
N ARG B 105 17.63 -1.32 15.54
CA ARG B 105 17.64 -2.46 16.51
C ARG B 105 19.03 -2.64 17.12
N ALA B 106 20.08 -2.64 16.30
CA ALA B 106 21.48 -2.74 16.75
C ALA B 106 21.78 -1.58 17.72
N ALA B 107 21.40 -0.37 17.37
CA ALA B 107 21.60 0.83 18.22
C ALA B 107 21.04 0.51 19.60
N ARG B 108 19.83 0.01 19.61
CA ARG B 108 19.08 -0.32 20.83
C ARG B 108 19.79 -1.40 21.65
N ALA B 109 20.25 -2.47 21.00
CA ALA B 109 21.01 -3.56 21.65
C ALA B 109 22.34 -3.02 22.21
N ALA B 110 22.83 -1.88 21.73
CA ALA B 110 24.08 -1.28 22.25
C ALA B 110 23.77 -0.27 23.35
N GLY B 111 22.50 -0.06 23.70
CA GLY B 111 22.07 0.78 24.85
C GLY B 111 21.17 1.96 24.47
N ALA B 112 20.96 2.24 23.20
CA ALA B 112 20.26 3.49 22.81
C ALA B 112 18.90 3.53 23.50
N GLN B 113 18.67 4.56 24.30
CA GLN B 113 17.38 4.86 25.00
C GLN B 113 16.57 5.79 24.11
N ILE B 114 17.28 6.68 23.43
CA ILE B 114 16.71 7.72 22.52
C ILE B 114 17.26 7.49 21.12
N MET B 115 16.39 7.59 20.13
CA MET B 115 16.74 7.51 18.70
C MET B 115 16.45 8.87 18.07
N VAL B 116 17.48 9.51 17.54
CA VAL B 116 17.29 10.73 16.70
C VAL B 116 17.34 10.29 15.24
N LEU B 117 16.17 10.39 14.58
CA LEU B 117 15.98 10.02 13.16
C LEU B 117 15.83 11.29 12.33
N THR B 118 16.74 11.54 11.42
CA THR B 118 16.67 12.73 10.55
C THR B 118 16.31 12.26 9.16
N ASN B 119 15.67 13.13 8.38
CA ASN B 119 15.37 12.87 6.94
C ASN B 119 15.33 14.17 6.15
N ALA B 120 15.44 14.04 4.84
CA ALA B 120 15.01 15.09 3.89
C ALA B 120 13.49 14.95 3.72
N ALA B 121 12.77 16.05 3.51
CA ALA B 121 11.32 16.03 3.24
C ALA B 121 10.94 17.18 2.32
N GLY B 122 9.88 16.99 1.54
CA GLY B 122 9.16 18.10 0.90
C GLY B 122 8.19 18.74 1.87
N GLY B 123 8.05 20.07 1.83
CA GLY B 123 7.10 20.83 2.65
C GLY B 123 5.76 21.00 1.95
N LEU B 124 4.67 20.60 2.61
CA LEU B 124 3.30 20.67 2.06
C LEU B 124 2.59 21.92 2.57
N ARG B 125 3.16 22.58 3.56
CA ARG B 125 2.70 23.90 4.05
C ARG B 125 3.69 24.94 3.49
N ALA B 126 3.19 25.89 2.67
CA ALA B 126 3.96 26.90 1.91
C ALA B 126 4.63 27.94 2.85
N ASP B 127 4.22 28.03 4.12
CA ASP B 127 4.89 28.80 5.20
C ASP B 127 6.24 28.17 5.61
N LEU B 128 6.57 26.96 5.12
CA LEU B 128 7.83 26.26 5.51
C LEU B 128 8.91 26.68 4.51
N GLN B 129 10.15 26.79 4.96
CA GLN B 129 11.22 27.30 4.05
C GLN B 129 12.18 26.18 3.71
N VAL B 130 12.74 26.21 2.50
CA VAL B 130 13.88 25.35 2.13
C VAL B 130 14.98 25.65 3.15
N GLY B 131 15.57 24.61 3.73
CA GLY B 131 16.69 24.70 4.70
C GLY B 131 16.21 24.73 6.14
N GLN B 132 14.90 24.79 6.36
CA GLN B 132 14.28 24.79 7.72
C GLN B 132 14.28 23.36 8.26
N PRO B 133 14.78 23.11 9.50
CA PRO B 133 14.55 21.82 10.15
C PRO B 133 13.14 21.86 10.75
N VAL B 134 12.36 20.77 10.64
CA VAL B 134 11.01 20.68 11.24
C VAL B 134 10.96 19.43 12.12
N LEU B 135 10.51 19.62 13.35
CA LEU B 135 10.32 18.51 14.32
C LEU B 135 9.13 17.67 13.85
N ILE B 136 9.29 16.35 13.90
CA ILE B 136 8.18 15.44 13.50
C ILE B 136 7.31 15.23 14.74
N SER B 137 6.05 15.61 14.66
CA SER B 137 5.09 15.47 15.80
C SER B 137 4.42 14.10 15.74
N ASP B 138 4.19 13.60 14.52
CA ASP B 138 3.51 12.31 14.23
C ASP B 138 3.80 11.92 12.79
N HIS B 139 3.49 10.69 12.38
CA HIS B 139 3.71 10.23 10.98
C HIS B 139 2.46 9.59 10.41
N LEU B 140 2.36 9.60 9.09
CA LEU B 140 1.43 8.77 8.30
C LEU B 140 2.31 7.74 7.59
N ASN B 141 2.11 6.47 7.91
CA ASN B 141 2.77 5.37 7.21
C ASN B 141 1.89 5.00 6.01
N LEU B 142 2.28 5.44 4.81
CA LEU B 142 1.54 5.23 3.53
C LEU B 142 2.31 4.22 2.66
N THR B 143 2.99 3.26 3.27
CA THR B 143 3.80 2.25 2.54
C THR B 143 3.02 0.94 2.42
N ALA B 144 1.96 0.77 3.23
CA ALA B 144 1.18 -0.47 3.39
C ALA B 144 2.08 -1.61 3.91
N ARG B 145 3.12 -1.27 4.67
CA ARG B 145 4.06 -2.26 5.25
C ARG B 145 4.29 -1.98 6.75
N SER B 146 4.84 -2.97 7.45
CA SER B 146 5.31 -2.85 8.84
C SER B 146 6.63 -3.60 8.93
N PRO B 147 7.61 -3.14 9.74
CA PRO B 147 8.83 -3.89 9.96
C PRO B 147 8.60 -5.04 10.95
N LEU B 148 7.49 -5.00 11.68
CA LEU B 148 7.12 -6.03 12.68
C LEU B 148 6.48 -7.20 11.95
N VAL B 149 6.77 -8.42 12.40
CA VAL B 149 6.21 -9.67 11.80
C VAL B 149 5.56 -10.51 12.88
N GLY B 150 4.43 -11.14 12.58
CA GLY B 150 3.62 -11.87 13.57
C GLY B 150 3.00 -10.89 14.55
N GLY B 151 2.48 -11.39 15.68
CA GLY B 151 1.64 -10.62 16.63
C GLY B 151 2.44 -9.70 17.54
N GLU B 152 3.23 -8.79 16.96
CA GLU B 152 4.00 -7.76 17.71
C GLU B 152 3.16 -6.50 17.81
N PHE B 153 2.23 -6.43 18.77
CA PHE B 153 1.29 -5.29 18.89
C PHE B 153 2.04 -4.17 19.61
N VAL B 154 2.19 -3.04 18.93
CA VAL B 154 2.91 -1.83 19.44
C VAL B 154 1.95 -0.65 19.33
N ASP B 155 1.81 0.12 20.40
CA ASP B 155 1.07 1.41 20.45
C ASP B 155 2.02 2.47 19.91
N LEU B 156 1.55 3.28 18.95
CA LEU B 156 2.34 4.40 18.38
C LEU B 156 1.75 5.75 18.82
N THR B 157 0.93 5.80 19.87
CA THR B 157 0.61 7.08 20.56
C THR B 157 1.95 7.65 21.04
N ASP B 158 2.20 8.94 20.84
CA ASP B 158 3.42 9.62 21.35
C ASP B 158 4.68 8.91 20.83
N ALA B 159 4.62 8.29 19.64
CA ALA B 159 5.76 7.65 18.94
C ALA B 159 6.94 8.64 18.86
N TYR B 160 6.65 9.90 18.57
CA TYR B 160 7.61 11.05 18.59
C TYR B 160 7.48 11.75 19.94
N SER B 161 8.22 11.26 20.94
CA SER B 161 8.22 11.72 22.35
C SER B 161 7.95 13.22 22.48
N PRO B 162 6.77 13.66 22.98
CA PRO B 162 6.54 15.08 23.33
C PRO B 162 7.65 15.71 24.18
N ARG B 163 8.09 14.98 25.20
CA ARG B 163 9.21 15.36 26.10
C ARG B 163 10.40 15.82 25.24
N LEU B 164 10.80 15.01 24.26
CA LEU B 164 12.04 15.29 23.50
C LEU B 164 11.84 16.52 22.60
N ARG B 165 10.61 16.77 22.15
CA ARG B 165 10.30 17.94 21.28
C ARG B 165 10.30 19.21 22.12
N GLU B 166 9.74 19.14 23.33
CA GLU B 166 9.88 20.22 24.35
C GLU B 166 11.38 20.46 24.57
N LEU B 167 12.22 19.42 24.70
CA LEU B 167 13.68 19.65 24.91
C LEU B 167 14.29 20.36 23.70
N ALA B 168 13.96 19.93 22.49
CA ALA B 168 14.45 20.56 21.25
C ALA B 168 14.03 22.04 21.21
N ARG B 169 12.80 22.34 21.61
CA ARG B 169 12.27 23.73 21.57
C ARG B 169 12.99 24.58 22.62
N GLN B 170 13.52 23.97 23.68
CA GLN B 170 14.38 24.70 24.66
C GLN B 170 15.64 25.16 23.92
N SER B 171 16.24 24.31 23.08
CA SER B 171 17.44 24.66 22.28
C SER B 171 17.07 25.75 21.25
N ASP B 172 15.89 25.68 20.64
CA ASP B 172 15.46 26.65 19.61
C ASP B 172 13.95 26.79 19.66
N PRO B 173 13.42 27.78 20.42
CA PRO B 173 11.99 27.89 20.65
C PRO B 173 11.17 28.17 19.39
N GLN B 174 11.83 28.54 18.28
CA GLN B 174 11.19 28.85 16.96
C GLN B 174 10.93 27.56 16.16
N LEU B 175 11.47 26.42 16.59
CA LEU B 175 11.37 25.15 15.80
C LEU B 175 9.91 24.80 15.55
N ALA B 176 9.54 24.67 14.29
CA ALA B 176 8.22 24.18 13.83
C ALA B 176 8.16 22.68 14.09
N GLU B 177 6.96 22.11 14.14
CA GLU B 177 6.75 20.63 14.09
C GLU B 177 5.66 20.35 13.08
N GLY B 178 5.63 19.13 12.55
CA GLY B 178 4.66 18.74 11.52
C GLY B 178 4.50 17.24 11.43
N VAL B 179 3.51 16.81 10.67
CA VAL B 179 3.19 15.37 10.46
C VAL B 179 3.94 14.94 9.21
N TYR B 180 4.76 13.89 9.31
CA TYR B 180 5.56 13.34 8.18
C TYR B 180 4.78 12.19 7.52
N ALA B 181 4.47 12.34 6.24
CA ALA B 181 3.95 11.26 5.38
C ALA B 181 5.15 10.46 4.85
N GLY B 182 5.26 9.18 5.27
CA GLY B 182 6.29 8.26 4.75
C GLY B 182 5.78 7.51 3.54
N LEU B 183 6.31 7.77 2.35
CA LEU B 183 5.87 7.06 1.13
C LEU B 183 6.92 6.02 0.74
N PRO B 184 6.59 5.06 -0.13
CA PRO B 184 7.56 4.08 -0.58
C PRO B 184 8.72 4.71 -1.36
N GLY B 185 8.42 5.66 -2.25
CA GLY B 185 9.36 6.21 -3.26
C GLY B 185 9.76 5.19 -4.32
N PRO B 186 10.81 5.42 -5.14
CA PRO B 186 11.69 6.59 -5.04
C PRO B 186 11.29 7.79 -5.92
N HIS B 187 10.24 7.64 -6.74
CA HIS B 187 9.64 8.77 -7.49
C HIS B 187 9.08 9.82 -6.52
N TYR B 188 9.23 11.08 -6.87
CA TYR B 188 8.54 12.22 -6.24
C TYR B 188 7.07 12.19 -6.68
N GLU B 189 6.21 12.89 -5.93
CA GLU B 189 4.73 12.81 -5.99
C GLU B 189 4.19 13.71 -7.12
N THR B 190 3.02 13.37 -7.65
CA THR B 190 2.23 14.25 -8.54
C THR B 190 1.65 15.39 -7.70
N PRO B 191 1.35 16.57 -8.31
CA PRO B 191 0.62 17.61 -7.60
C PRO B 191 -0.70 17.07 -7.02
N ALA B 192 -1.39 16.16 -7.73
CA ALA B 192 -2.66 15.58 -7.23
C ALA B 192 -2.38 14.80 -5.93
N GLU B 193 -1.26 14.06 -5.89
CA GLU B 193 -0.85 13.27 -4.70
C GLU B 193 -0.57 14.19 -3.52
N ILE B 194 0.07 15.33 -3.78
CA ILE B 194 0.43 16.32 -2.74
C ILE B 194 -0.85 16.90 -2.13
N ARG B 195 -1.83 17.25 -2.98
CA ARG B 195 -3.18 17.75 -2.59
C ARG B 195 -3.91 16.67 -1.76
N MET B 196 -3.77 15.39 -2.13
CA MET B 196 -4.27 14.23 -1.37
C MET B 196 -3.60 14.19 0.03
N LEU B 197 -2.28 14.28 0.11
CA LEU B 197 -1.52 14.22 1.39
C LEU B 197 -1.91 15.39 2.29
N GLN B 198 -2.26 16.56 1.74
CA GLN B 198 -2.71 17.72 2.57
C GLN B 198 -4.00 17.29 3.27
N THR B 199 -4.97 16.77 2.51
CA THR B 199 -6.29 16.30 3.03
C THR B 199 -6.09 15.19 4.08
N LEU B 200 -5.07 14.33 3.95
CA LEU B 200 -4.81 13.23 4.92
C LEU B 200 -4.13 13.79 6.18
N GLY B 201 -3.76 15.08 6.17
CA GLY B 201 -3.22 15.83 7.33
C GLY B 201 -1.69 15.84 7.41
N ALA B 202 -0.97 15.71 6.28
CA ALA B 202 0.52 15.71 6.23
C ALA B 202 1.04 17.15 6.09
N ASP B 203 2.15 17.46 6.76
CA ASP B 203 2.90 18.74 6.62
C ASP B 203 4.21 18.49 5.88
N LEU B 204 4.66 17.26 5.84
CA LEU B 204 5.98 16.88 5.29
C LEU B 204 5.82 15.56 4.54
N VAL B 205 6.63 15.33 3.50
CA VAL B 205 6.62 14.06 2.72
C VAL B 205 8.06 13.61 2.46
N GLY B 206 8.31 12.32 2.70
CA GLY B 206 9.60 11.67 2.45
C GLY B 206 9.41 10.20 2.15
N MET B 207 10.51 9.45 2.20
CA MET B 207 10.64 8.06 1.72
C MET B 207 11.43 7.25 2.75
N SER B 208 11.38 7.63 4.01
CA SER B 208 12.12 6.90 5.06
C SER B 208 11.34 6.96 6.37
N THR B 209 12.01 6.58 7.44
CA THR B 209 11.81 6.99 8.85
C THR B 209 10.71 6.16 9.52
N VAL B 210 9.54 6.00 8.89
CA VAL B 210 8.31 5.54 9.60
C VAL B 210 8.57 4.15 10.16
N HIS B 211 9.25 3.28 9.40
CA HIS B 211 9.53 1.87 9.80
C HIS B 211 10.59 1.86 10.92
N GLU B 212 11.59 2.74 10.81
CA GLU B 212 12.63 2.95 11.86
C GLU B 212 11.95 3.36 13.17
N THR B 213 10.98 4.29 13.11
CA THR B 213 10.21 4.76 14.28
C THR B 213 9.44 3.58 14.88
N ILE B 214 8.71 2.84 14.06
CA ILE B 214 7.90 1.69 14.57
C ILE B 214 8.83 0.69 15.27
N ALA B 215 9.96 0.38 14.65
CA ALA B 215 10.94 -0.60 15.19
C ALA B 215 11.51 -0.10 16.51
N ALA B 216 11.82 1.21 16.61
CA ALA B 216 12.35 1.85 17.85
C ALA B 216 11.32 1.81 18.98
N ARG B 217 10.06 2.14 18.70
CA ARG B 217 8.98 2.04 19.72
C ARG B 217 8.77 0.57 20.10
N ALA B 218 8.75 -0.34 19.13
CA ALA B 218 8.65 -1.81 19.35
C ALA B 218 9.75 -2.26 20.32
N ALA B 219 10.96 -1.73 20.20
CA ALA B 219 12.12 -2.19 20.99
C ALA B 219 12.26 -1.35 22.28
N GLY B 220 11.38 -0.39 22.51
CA GLY B 220 11.27 0.34 23.79
C GLY B 220 12.06 1.63 23.83
N ALA B 221 12.57 2.11 22.70
CA ALA B 221 13.31 3.39 22.58
C ALA B 221 12.35 4.56 22.34
N GLU B 222 12.67 5.71 22.89
CA GLU B 222 12.01 7.01 22.57
C GLU B 222 12.65 7.57 21.28
N VAL B 223 11.89 8.36 20.53
CA VAL B 223 12.27 8.85 19.17
C VAL B 223 12.15 10.38 19.12
N LEU B 224 13.13 11.04 18.54
CA LEU B 224 12.98 12.45 18.10
C LEU B 224 13.11 12.42 16.59
N GLY B 225 12.13 12.95 15.87
CA GLY B 225 12.18 13.05 14.40
C GLY B 225 12.47 14.47 13.96
N VAL B 226 13.41 14.65 13.05
CA VAL B 226 13.79 15.99 12.51
C VAL B 226 13.91 15.89 11.00
N SER B 227 13.01 16.56 10.28
CA SER B 227 13.03 16.71 8.80
C SER B 227 13.79 17.99 8.41
N LEU B 228 14.63 17.93 7.38
CA LEU B 228 15.12 19.12 6.66
C LEU B 228 14.27 19.29 5.41
N VAL B 229 13.51 20.39 5.34
CA VAL B 229 12.69 20.76 4.16
C VAL B 229 13.65 21.07 3.01
N THR B 230 13.79 20.18 2.02
CA THR B 230 14.76 20.31 0.90
C THR B 230 14.12 21.03 -0.29
N ASN B 231 12.80 21.11 -0.30
CA ASN B 231 11.99 21.65 -1.42
C ASN B 231 10.55 21.77 -0.95
N LEU B 232 9.78 22.65 -1.57
CA LEU B 232 8.31 22.66 -1.41
C LEU B 232 7.76 21.52 -2.27
N ALA B 233 6.79 20.78 -1.75
CA ALA B 233 6.19 19.58 -2.39
C ALA B 233 5.66 19.91 -3.79
N ALA B 234 5.57 18.90 -4.66
CA ALA B 234 5.10 19.04 -6.06
C ALA B 234 3.80 19.84 -6.12
N GLY B 235 3.76 20.84 -7.01
CA GLY B 235 2.57 21.66 -7.32
C GLY B 235 2.29 22.75 -6.30
N ILE B 236 3.10 22.93 -5.26
CA ILE B 236 2.88 23.99 -4.22
C ILE B 236 3.29 25.35 -4.83
N THR B 237 4.49 25.42 -5.42
CA THR B 237 4.88 26.43 -6.43
C THR B 237 4.63 25.84 -7.82
N GLY B 238 4.30 26.68 -8.80
CA GLY B 238 3.92 26.26 -10.17
C GLY B 238 5.04 25.56 -10.92
N GLU B 239 6.31 25.78 -10.55
CA GLU B 239 7.48 25.18 -11.25
C GLU B 239 7.62 23.73 -10.85
N PRO B 240 8.33 22.90 -11.65
CA PRO B 240 8.76 21.57 -11.21
C PRO B 240 9.78 21.56 -10.06
N LEU B 241 9.96 20.39 -9.43
CA LEU B 241 11.05 20.11 -8.44
C LEU B 241 12.38 19.93 -9.17
N SER B 242 13.46 20.50 -8.62
CA SER B 242 14.88 20.28 -9.05
C SER B 242 15.60 19.40 -8.03
N HIS B 243 16.17 18.26 -8.47
CA HIS B 243 16.70 17.19 -7.58
C HIS B 243 18.22 17.35 -7.46
N ALA B 244 18.74 18.46 -7.96
CA ALA B 244 20.10 18.99 -7.68
C ALA B 244 20.00 20.19 -6.73
N GLU B 245 18.81 20.80 -6.60
CA GLU B 245 18.51 21.84 -5.59
C GLU B 245 17.96 21.19 -4.30
N VAL B 246 17.51 19.94 -4.36
CA VAL B 246 17.22 19.08 -3.16
C VAL B 246 18.56 18.77 -2.46
N LEU B 247 19.64 18.57 -3.24
CA LEU B 247 21.03 18.31 -2.77
C LEU B 247 21.61 19.57 -2.11
N ALA B 248 21.39 20.72 -2.74
CA ALA B 248 21.92 22.06 -2.34
C ALA B 248 21.35 22.51 -0.99
N ALA B 249 20.16 22.05 -0.61
CA ALA B 249 19.57 22.34 0.71
C ALA B 249 20.36 21.62 1.80
N GLY B 250 20.82 20.40 1.49
CA GLY B 250 21.58 19.52 2.41
C GLY B 250 22.89 20.15 2.86
N ALA B 251 23.65 20.71 1.91
CA ALA B 251 24.98 21.34 2.15
C ALA B 251 24.79 22.69 2.86
N ALA B 252 23.83 23.51 2.39
CA ALA B 252 23.48 24.82 3.00
C ALA B 252 23.15 24.61 4.49
N SER B 253 22.57 23.45 4.83
CA SER B 253 22.12 23.09 6.20
C SER B 253 23.00 21.98 6.78
N ALA B 254 24.27 22.32 7.02
CA ALA B 254 25.31 21.45 7.63
C ALA B 254 25.58 21.93 9.05
N THR B 255 26.33 23.01 9.20
CA THR B 255 26.88 23.44 10.51
C THR B 255 25.72 23.95 11.37
N ARG B 256 24.69 24.53 10.75
CA ARG B 256 23.42 24.93 11.43
C ARG B 256 22.80 23.66 12.05
N MET B 257 22.47 22.69 11.20
CA MET B 257 21.82 21.40 11.58
C MET B 257 22.66 20.69 12.65
N GLY B 258 23.94 20.44 12.34
CA GLY B 258 24.87 19.68 13.19
C GLY B 258 24.94 20.26 14.58
N ALA B 259 24.95 21.59 14.70
CA ALA B 259 25.07 22.32 15.98
C ALA B 259 23.74 22.28 16.74
N LEU B 260 22.61 22.34 16.02
CA LEU B 260 21.26 22.17 16.62
C LEU B 260 21.17 20.77 17.26
N LEU B 261 21.56 19.72 16.53
CA LEU B 261 21.48 18.31 17.00
C LEU B 261 22.37 18.11 18.24
N ALA B 262 23.59 18.62 18.21
CA ALA B 262 24.52 18.55 19.35
C ALA B 262 23.88 19.29 20.53
N ASP B 263 23.35 20.47 20.29
CA ASP B 263 22.76 21.27 21.39
C ASP B 263 21.54 20.57 21.97
N VAL B 264 20.75 19.89 21.13
CA VAL B 264 19.50 19.24 21.58
C VAL B 264 19.85 17.99 22.40
N ILE B 265 20.79 17.17 21.91
CA ILE B 265 21.18 15.90 22.58
C ILE B 265 21.77 16.20 23.96
N ALA B 266 22.54 17.28 24.10
CA ALA B 266 23.16 17.68 25.38
C ALA B 266 22.04 17.84 26.43
N ARG B 267 20.86 18.24 26.01
CA ARG B 267 19.75 18.52 26.96
C ARG B 267 19.03 17.24 27.36
N PHE B 268 19.10 16.17 26.54
CA PHE B 268 18.48 14.86 26.81
C PHE B 268 18.87 14.37 28.22
N ASP C 7 19.07 -6.55 -16.10
CA ASP C 7 18.87 -5.09 -15.83
C ASP C 7 17.85 -4.53 -16.82
N PRO C 8 16.69 -4.03 -16.34
CA PRO C 8 15.65 -3.45 -17.18
C PRO C 8 16.10 -2.60 -18.38
N ASP C 9 17.00 -1.64 -18.16
CA ASP C 9 17.44 -0.67 -19.21
C ASP C 9 18.20 -1.44 -20.30
N GLU C 10 19.09 -2.38 -19.89
CA GLU C 10 19.80 -3.31 -20.81
C GLU C 10 18.78 -4.05 -21.69
N LEU C 11 17.82 -4.75 -21.09
CA LEU C 11 16.77 -5.55 -21.78
C LEU C 11 15.92 -4.70 -22.71
N ALA C 12 15.75 -3.41 -22.41
CA ALA C 12 14.92 -2.48 -23.22
C ALA C 12 15.71 -2.10 -24.47
N ARG C 13 17.03 -1.92 -24.33
CA ARG C 13 17.92 -1.58 -25.47
C ARG C 13 18.00 -2.80 -26.41
N ARG C 14 18.04 -4.02 -25.88
CA ARG C 14 18.16 -5.24 -26.73
C ARG C 14 16.82 -5.46 -27.45
N ALA C 15 15.69 -5.29 -26.77
CA ALA C 15 14.34 -5.34 -27.37
C ALA C 15 14.27 -4.35 -28.55
N ALA C 16 14.72 -3.12 -28.34
CA ALA C 16 14.73 -2.03 -29.35
C ALA C 16 15.60 -2.41 -30.56
N GLN C 17 16.72 -3.11 -30.35
CA GLN C 17 17.61 -3.61 -31.43
C GLN C 17 16.82 -4.63 -32.28
N VAL C 18 16.25 -5.65 -31.62
CA VAL C 18 15.39 -6.70 -32.25
C VAL C 18 14.23 -6.01 -32.97
N ILE C 19 13.68 -4.95 -32.38
CA ILE C 19 12.43 -4.32 -32.90
C ILE C 19 12.79 -3.63 -34.22
N ALA C 20 13.88 -2.85 -34.23
CA ALA C 20 14.40 -2.15 -35.43
C ALA C 20 14.79 -3.15 -36.52
N ASP C 21 15.35 -4.30 -36.13
CA ASP C 21 15.76 -5.37 -37.09
C ASP C 21 14.50 -5.94 -37.74
N ARG C 22 13.56 -6.45 -36.93
CA ARG C 22 12.34 -7.17 -37.39
C ARG C 22 11.35 -6.25 -38.11
N THR C 23 11.35 -4.93 -37.84
CA THR C 23 10.37 -3.98 -38.45
C THR C 23 10.97 -3.35 -39.70
N GLY C 24 12.29 -3.42 -39.85
CA GLY C 24 13.05 -2.59 -40.82
C GLY C 24 12.99 -1.10 -40.47
N ILE C 25 12.39 -0.73 -39.34
CA ILE C 25 12.24 0.69 -38.92
C ILE C 25 13.29 0.99 -37.84
N GLY C 26 14.23 1.89 -38.14
CA GLY C 26 15.32 2.30 -37.23
C GLY C 26 14.78 3.04 -36.01
N GLU C 27 13.61 3.67 -36.11
CA GLU C 27 13.12 4.63 -35.09
C GLU C 27 11.59 4.73 -35.13
N HIS C 28 10.91 4.35 -34.05
CA HIS C 28 9.47 4.60 -33.82
C HIS C 28 9.38 5.81 -32.87
N ASP C 29 8.73 6.88 -33.32
CA ASP C 29 8.77 8.20 -32.65
C ASP C 29 7.61 8.30 -31.65
N VAL C 30 6.61 7.43 -31.79
CA VAL C 30 5.41 7.38 -30.88
C VAL C 30 5.15 5.93 -30.51
N ALA C 31 4.59 5.69 -29.32
CA ALA C 31 4.15 4.35 -28.86
C ALA C 31 2.79 4.47 -28.15
N VAL C 32 1.94 3.49 -28.38
CA VAL C 32 0.58 3.38 -27.80
C VAL C 32 0.52 2.08 -27.00
N VAL C 33 0.17 2.16 -25.72
CA VAL C 33 -0.28 0.99 -24.92
C VAL C 33 -1.80 0.94 -24.95
N LEU C 34 -2.35 -0.11 -25.54
CA LEU C 34 -3.80 -0.36 -25.64
C LEU C 34 -4.28 -1.01 -24.35
N GLY C 35 -5.18 -0.33 -23.63
CA GLY C 35 -5.91 -0.86 -22.47
C GLY C 35 -6.74 -2.07 -22.87
N SER C 36 -7.35 -2.76 -21.91
CA SER C 36 -8.33 -3.84 -22.17
C SER C 36 -9.48 -3.28 -23.02
N GLY C 37 -10.01 -2.09 -22.65
CA GLY C 37 -11.16 -1.43 -23.29
C GLY C 37 -10.82 -0.68 -24.57
N TRP C 38 -9.59 -0.81 -25.06
CA TRP C 38 -9.05 -0.14 -26.28
C TRP C 38 -8.59 -1.16 -27.32
N LEU C 39 -8.13 -2.33 -26.87
CA LEU C 39 -7.60 -3.42 -27.74
C LEU C 39 -8.51 -3.64 -28.94
N PRO C 40 -9.87 -3.74 -28.78
CA PRO C 40 -10.77 -3.89 -29.93
C PRO C 40 -10.76 -2.75 -30.96
N ALA C 41 -9.98 -1.67 -30.72
CA ALA C 41 -9.85 -0.46 -31.57
C ALA C 41 -8.54 -0.50 -32.35
N VAL C 42 -7.77 -1.59 -32.22
CA VAL C 42 -6.46 -1.81 -32.90
C VAL C 42 -6.65 -1.59 -34.42
N ALA C 43 -7.74 -2.09 -35.00
CA ALA C 43 -8.01 -2.04 -36.46
C ALA C 43 -8.18 -0.59 -36.94
N ALA C 44 -8.82 0.29 -36.16
CA ALA C 44 -9.19 1.66 -36.59
C ALA C 44 -8.03 2.64 -36.43
N LEU C 45 -6.86 2.18 -35.98
CA LEU C 45 -5.62 3.02 -35.87
C LEU C 45 -4.94 3.17 -37.22
N GLY C 46 -5.16 2.21 -38.12
CA GLY C 46 -4.36 2.00 -39.35
C GLY C 46 -4.04 0.53 -39.41
N SER C 47 -3.48 0.03 -40.50
CA SER C 47 -3.10 -1.40 -40.57
C SER C 47 -1.57 -1.49 -40.55
N PRO C 48 -1.00 -2.46 -39.82
CA PRO C 48 0.45 -2.47 -39.56
C PRO C 48 1.30 -2.88 -40.76
N THR C 49 2.51 -2.35 -40.82
CA THR C 49 3.58 -2.79 -41.75
C THR C 49 4.23 -4.07 -41.19
N THR C 50 4.26 -4.23 -39.86
CA THR C 50 4.79 -5.47 -39.18
C THR C 50 3.95 -5.77 -37.94
N VAL C 51 3.70 -7.06 -37.69
CA VAL C 51 3.21 -7.63 -36.39
C VAL C 51 4.34 -8.47 -35.79
N LEU C 52 4.55 -8.37 -34.49
CA LEU C 52 5.55 -9.14 -33.72
C LEU C 52 4.85 -9.83 -32.55
N PRO C 53 5.11 -11.13 -32.32
CA PRO C 53 4.68 -11.77 -31.07
C PRO C 53 5.56 -11.21 -29.96
N GLN C 54 4.95 -10.55 -28.97
CA GLN C 54 5.67 -10.11 -27.73
C GLN C 54 6.59 -11.25 -27.25
N ALA C 55 6.08 -12.48 -27.25
CA ALA C 55 6.76 -13.72 -26.79
C ALA C 55 8.14 -13.87 -27.42
N GLU C 56 8.39 -13.29 -28.59
CA GLU C 56 9.69 -13.43 -29.29
C GLU C 56 10.57 -12.20 -29.10
N LEU C 57 10.29 -11.35 -28.11
CA LEU C 57 11.04 -10.08 -27.88
C LEU C 57 11.72 -10.13 -26.51
N PRO C 58 13.00 -9.71 -26.40
CA PRO C 58 13.68 -9.63 -25.12
C PRO C 58 12.85 -8.86 -24.07
N GLY C 59 12.54 -9.50 -22.94
CA GLY C 59 12.02 -8.85 -21.71
C GLY C 59 10.50 -8.74 -21.62
N PHE C 60 9.76 -9.01 -22.69
CA PHE C 60 8.29 -8.74 -22.71
C PHE C 60 7.51 -9.70 -21.81
N VAL C 61 7.68 -11.02 -21.96
CA VAL C 61 6.83 -12.05 -21.29
C VAL C 61 7.66 -12.78 -20.23
N PRO C 62 7.18 -12.92 -18.97
CA PRO C 62 7.85 -13.78 -17.99
C PRO C 62 7.98 -15.18 -18.59
N PRO C 63 9.18 -15.83 -18.51
CA PRO C 63 9.41 -17.07 -19.23
C PRO C 63 8.37 -18.15 -18.88
N THR C 64 8.01 -18.25 -17.59
CA THR C 64 6.83 -19.03 -17.15
C THR C 64 5.62 -18.09 -17.18
N ALA C 65 4.72 -18.23 -18.16
CA ALA C 65 3.51 -17.40 -18.31
C ALA C 65 2.44 -18.19 -19.07
N ALA C 66 1.16 -17.91 -18.78
CA ALA C 66 -0.01 -18.40 -19.54
C ALA C 66 -0.01 -17.76 -20.93
N GLY C 67 -0.69 -18.37 -21.90
CA GLY C 67 -0.72 -17.94 -23.32
C GLY C 67 -1.30 -16.55 -23.47
N HIS C 68 -0.72 -15.55 -22.77
CA HIS C 68 -1.16 -14.13 -22.70
C HIS C 68 -1.27 -13.57 -24.13
N ALA C 69 -0.63 -14.23 -25.09
CA ALA C 69 -0.58 -13.88 -26.52
C ALA C 69 0.25 -12.59 -26.63
N GLY C 70 -0.38 -11.47 -27.00
CA GLY C 70 0.29 -10.14 -27.02
C GLY C 70 1.11 -9.92 -28.27
N GLU C 71 0.87 -8.81 -28.95
CA GLU C 71 1.64 -8.42 -30.15
C GLU C 71 2.15 -6.99 -29.98
N LEU C 72 3.25 -6.69 -30.68
CA LEU C 72 3.78 -5.32 -30.89
C LEU C 72 3.67 -5.01 -32.38
N LEU C 73 2.83 -4.05 -32.73
CA LEU C 73 2.59 -3.65 -34.15
C LEU C 73 3.44 -2.42 -34.48
N SER C 74 3.90 -2.31 -35.73
CA SER C 74 4.48 -1.10 -36.34
C SER C 74 3.46 -0.53 -37.32
N VAL C 75 2.90 0.64 -37.04
CA VAL C 75 1.81 1.28 -37.83
C VAL C 75 2.28 2.68 -38.23
N PRO C 76 2.14 3.09 -39.52
CA PRO C 76 2.33 4.48 -39.91
C PRO C 76 1.07 5.31 -39.62
N ILE C 77 1.20 6.43 -38.91
CA ILE C 77 0.11 7.42 -38.68
C ILE C 77 0.66 8.82 -38.91
N GLY C 78 0.04 9.54 -39.85
CA GLY C 78 0.65 10.69 -40.52
C GLY C 78 2.14 10.50 -40.73
N ALA C 79 2.94 11.33 -40.10
CA ALA C 79 4.40 11.41 -40.30
C ALA C 79 5.12 10.48 -39.31
N HIS C 80 4.37 9.67 -38.56
CA HIS C 80 4.87 8.94 -37.36
C HIS C 80 4.95 7.44 -37.67
N ARG C 81 5.97 6.78 -37.12
CA ARG C 81 6.12 5.31 -37.08
C ARG C 81 5.80 4.87 -35.66
N VAL C 82 4.63 4.27 -35.48
CA VAL C 82 3.99 4.07 -34.14
C VAL C 82 4.08 2.60 -33.74
N LEU C 83 4.70 2.34 -32.58
CA LEU C 83 4.68 1.03 -31.87
C LEU C 83 3.35 0.92 -31.08
N VAL C 84 2.57 -0.10 -31.41
CA VAL C 84 1.27 -0.37 -30.73
C VAL C 84 1.42 -1.66 -29.94
N LEU C 85 1.46 -1.56 -28.62
CA LEU C 85 1.37 -2.74 -27.73
C LEU C 85 -0.09 -3.19 -27.67
N ALA C 86 -0.38 -4.36 -28.23
CA ALA C 86 -1.69 -5.04 -28.15
C ALA C 86 -1.59 -6.18 -27.13
N GLY C 87 -1.98 -5.94 -25.88
CA GLY C 87 -1.94 -6.94 -24.79
C GLY C 87 -0.85 -6.62 -23.78
N ARG C 88 -1.23 -6.13 -22.60
CA ARG C 88 -0.26 -5.69 -21.58
C ARG C 88 -0.33 -6.65 -20.39
N ILE C 89 0.74 -6.68 -19.59
CA ILE C 89 0.84 -7.37 -18.28
C ILE C 89 0.36 -6.38 -17.21
N HIS C 90 -0.68 -6.75 -16.48
CA HIS C 90 -1.21 -5.93 -15.35
C HIS C 90 -0.48 -6.33 -14.07
N ALA C 91 -0.43 -5.43 -13.08
CA ALA C 91 0.26 -5.68 -11.80
C ALA C 91 -0.43 -6.85 -11.08
N TYR C 92 -1.72 -7.00 -11.32
CA TYR C 92 -2.58 -7.99 -10.65
C TYR C 92 -2.31 -9.40 -11.20
N GLU C 93 -1.53 -9.54 -12.28
CA GLU C 93 -1.05 -10.87 -12.72
C GLU C 93 -0.03 -11.39 -11.68
N GLY C 94 0.65 -10.46 -10.99
CA GLY C 94 1.50 -10.76 -9.83
C GLY C 94 2.97 -10.77 -10.21
N HIS C 95 3.31 -10.40 -11.45
CA HIS C 95 4.71 -10.37 -11.96
C HIS C 95 5.39 -9.07 -11.50
N ASP C 96 6.73 -9.09 -11.45
CA ASP C 96 7.59 -7.91 -11.18
C ASP C 96 7.08 -6.74 -12.04
N LEU C 97 7.06 -5.53 -11.50
CA LEU C 97 6.66 -4.30 -12.25
C LEU C 97 7.56 -4.09 -13.46
N ARG C 98 8.78 -4.65 -13.48
CA ARG C 98 9.66 -4.46 -14.66
C ARG C 98 8.94 -4.99 -15.92
N TYR C 99 8.11 -6.02 -15.78
CA TYR C 99 7.31 -6.62 -16.88
C TYR C 99 6.17 -5.68 -17.28
N VAL C 100 5.56 -5.04 -16.28
CA VAL C 100 4.42 -4.11 -16.48
C VAL C 100 4.89 -2.90 -17.31
N VAL C 101 6.13 -2.42 -17.12
CA VAL C 101 6.64 -1.15 -17.75
C VAL C 101 7.65 -1.43 -18.88
N HIS C 102 8.09 -2.67 -19.07
CA HIS C 102 9.04 -3.06 -20.14
C HIS C 102 8.65 -2.45 -21.49
N PRO C 103 7.39 -2.58 -21.97
CA PRO C 103 6.99 -1.98 -23.25
C PRO C 103 7.28 -0.48 -23.40
N VAL C 104 7.14 0.29 -22.32
CA VAL C 104 7.45 1.74 -22.31
C VAL C 104 8.96 1.89 -22.44
N ARG C 105 9.74 1.12 -21.69
CA ARG C 105 11.23 1.24 -21.71
C ARG C 105 11.75 0.76 -23.07
N ALA C 106 11.19 -0.33 -23.60
CA ALA C 106 11.57 -0.88 -24.93
C ALA C 106 11.24 0.15 -26.01
N ALA C 107 10.01 0.71 -26.00
CA ALA C 107 9.54 1.74 -26.97
C ALA C 107 10.47 2.96 -26.95
N ARG C 108 10.90 3.40 -25.75
CA ARG C 108 11.81 4.56 -25.57
C ARG C 108 13.14 4.27 -26.27
N ALA C 109 13.74 3.13 -25.96
CA ALA C 109 15.03 2.65 -26.53
C ALA C 109 14.90 2.54 -28.06
N ALA C 110 13.68 2.36 -28.58
CA ALA C 110 13.34 2.30 -30.01
C ALA C 110 13.06 3.69 -30.61
N GLY C 111 13.09 4.76 -29.80
CA GLY C 111 13.05 6.16 -30.24
C GLY C 111 11.75 6.89 -29.91
N ALA C 112 10.85 6.31 -29.12
CA ALA C 112 9.53 6.91 -28.84
C ALA C 112 9.71 8.00 -27.79
N GLN C 113 9.37 9.25 -28.10
CA GLN C 113 9.48 10.35 -27.10
C GLN C 113 8.09 10.71 -26.60
N ILE C 114 7.06 10.12 -27.21
CA ILE C 114 5.65 10.26 -26.75
C ILE C 114 5.10 8.85 -26.52
N MET C 115 4.56 8.63 -25.32
CA MET C 115 3.79 7.42 -24.97
C MET C 115 2.33 7.84 -24.85
N VAL C 116 1.46 7.17 -25.59
CA VAL C 116 -0.01 7.26 -25.43
C VAL C 116 -0.45 6.07 -24.59
N LEU C 117 -0.80 6.33 -23.34
CA LEU C 117 -1.22 5.31 -22.35
C LEU C 117 -2.74 5.31 -22.26
N THR C 118 -3.38 4.20 -22.67
CA THR C 118 -4.85 4.07 -22.66
C THR C 118 -5.26 3.05 -21.61
N ASN C 119 -6.48 3.21 -21.08
CA ASN C 119 -7.01 2.30 -20.03
C ASN C 119 -8.53 2.38 -20.00
N ALA C 120 -9.13 1.38 -19.35
CA ALA C 120 -10.52 1.39 -18.87
C ALA C 120 -10.57 2.02 -17.48
N ALA C 121 -11.64 2.77 -17.17
CA ALA C 121 -11.78 3.49 -15.90
C ALA C 121 -13.24 3.54 -15.47
N GLY C 122 -13.48 3.42 -14.15
CA GLY C 122 -14.74 3.79 -13.49
C GLY C 122 -14.83 5.30 -13.37
N GLY C 123 -15.98 5.89 -13.63
CA GLY C 123 -16.19 7.34 -13.58
C GLY C 123 -16.67 7.73 -12.20
N LEU C 124 -15.97 8.64 -11.54
CA LEU C 124 -16.34 9.14 -10.19
C LEU C 124 -17.02 10.51 -10.33
N ARG C 125 -16.70 11.30 -11.35
CA ARG C 125 -17.19 12.69 -11.44
C ARG C 125 -18.59 12.66 -12.07
N ALA C 126 -19.51 13.50 -11.61
CA ALA C 126 -20.95 13.50 -12.00
C ALA C 126 -21.13 13.75 -13.51
N ASP C 127 -20.21 14.45 -14.16
CA ASP C 127 -20.37 14.85 -15.59
C ASP C 127 -20.03 13.67 -16.49
N LEU C 128 -19.34 12.64 -15.99
CA LEU C 128 -18.77 11.57 -16.82
C LEU C 128 -19.83 10.47 -17.07
N GLN C 129 -19.82 9.91 -18.28
CA GLN C 129 -20.80 8.92 -18.77
C GLN C 129 -20.04 7.74 -19.38
N VAL C 130 -20.68 6.59 -19.42
CA VAL C 130 -20.13 5.36 -20.06
C VAL C 130 -19.90 5.67 -21.54
N GLY C 131 -18.75 5.28 -22.08
CA GLY C 131 -18.36 5.52 -23.48
C GLY C 131 -17.66 6.87 -23.68
N GLN C 132 -17.45 7.67 -22.64
CA GLN C 132 -16.76 8.98 -22.79
C GLN C 132 -15.25 8.77 -22.70
N PRO C 133 -14.45 9.18 -23.72
CA PRO C 133 -13.00 9.22 -23.57
C PRO C 133 -12.68 10.43 -22.67
N VAL C 134 -11.78 10.28 -21.69
CA VAL C 134 -11.35 11.39 -20.80
C VAL C 134 -9.81 11.46 -20.83
N LEU C 135 -9.29 12.66 -21.06
CA LEU C 135 -7.84 12.92 -20.96
C LEU C 135 -7.44 12.82 -19.49
N ILE C 136 -6.26 12.28 -19.23
CA ILE C 136 -5.68 12.23 -17.85
C ILE C 136 -4.85 13.50 -17.62
N SER C 137 -5.26 14.28 -16.61
CA SER C 137 -4.58 15.54 -16.17
C SER C 137 -3.52 15.21 -15.12
N ASP C 138 -3.71 14.15 -14.35
CA ASP C 138 -2.77 13.75 -13.27
C ASP C 138 -3.23 12.42 -12.71
N HIS C 139 -2.46 11.79 -11.82
CA HIS C 139 -2.80 10.46 -11.23
C HIS C 139 -2.54 10.45 -9.72
N LEU C 140 -3.24 9.55 -9.02
CA LEU C 140 -2.95 9.14 -7.64
C LEU C 140 -2.44 7.69 -7.71
N ASN C 141 -1.18 7.48 -7.35
CA ASN C 141 -0.60 6.13 -7.30
C ASN C 141 -0.93 5.53 -5.92
N LEU C 142 -2.01 4.76 -5.86
CA LEU C 142 -2.51 4.13 -4.62
C LEU C 142 -2.10 2.65 -4.58
N THR C 143 -0.98 2.29 -5.21
CA THR C 143 -0.49 0.88 -5.28
C THR C 143 0.54 0.61 -4.18
N ALA C 144 1.08 1.67 -3.57
CA ALA C 144 2.20 1.62 -2.59
C ALA C 144 3.42 0.98 -3.24
N ARG C 145 3.50 1.05 -4.57
CA ARG C 145 4.66 0.56 -5.36
C ARG C 145 5.18 1.64 -6.32
N SER C 146 6.40 1.45 -6.81
CA SER C 146 7.07 2.22 -7.89
C SER C 146 7.78 1.25 -8.81
N PRO C 147 7.81 1.48 -10.15
CA PRO C 147 8.63 0.66 -11.04
C PRO C 147 10.12 1.03 -10.94
N LEU C 148 10.44 2.09 -10.20
CA LEU C 148 11.83 2.60 -9.99
C LEU C 148 12.48 1.96 -8.75
N VAL C 149 13.76 1.58 -8.85
CA VAL C 149 14.54 0.93 -7.76
C VAL C 149 15.80 1.75 -7.52
N GLY C 150 16.25 1.84 -6.26
CA GLY C 150 17.36 2.72 -5.84
C GLY C 150 17.05 4.18 -6.13
N GLY C 151 18.11 5.01 -6.25
CA GLY C 151 18.03 6.48 -6.29
C GLY C 151 17.76 7.01 -7.69
N GLU C 152 16.91 6.33 -8.47
CA GLU C 152 16.28 6.92 -9.67
C GLU C 152 15.21 7.88 -9.12
N PHE C 153 15.53 9.17 -8.94
CA PHE C 153 14.61 10.19 -8.37
C PHE C 153 14.17 11.16 -9.49
N VAL C 154 12.84 11.17 -9.70
CA VAL C 154 12.13 11.60 -10.93
C VAL C 154 10.96 12.50 -10.53
N ASP C 155 10.79 13.64 -11.23
CA ASP C 155 9.75 14.66 -10.94
C ASP C 155 8.51 14.36 -11.80
N LEU C 156 7.34 14.26 -11.16
CA LEU C 156 6.08 13.89 -11.84
C LEU C 156 5.20 15.14 -12.01
N THR C 157 5.72 16.35 -11.83
CA THR C 157 5.04 17.60 -12.25
C THR C 157 4.81 17.49 -13.77
N ASP C 158 3.63 17.85 -14.26
CA ASP C 158 3.28 17.75 -15.71
C ASP C 158 3.72 16.40 -16.33
N ALA C 159 3.47 15.29 -15.62
CA ALA C 159 3.73 13.91 -16.12
C ALA C 159 2.83 13.60 -17.33
N TYR C 160 1.58 14.04 -17.30
CA TYR C 160 0.65 14.04 -18.45
C TYR C 160 0.83 15.39 -19.19
N SER C 161 1.74 15.43 -20.17
CA SER C 161 2.14 16.67 -20.91
C SER C 161 0.93 17.56 -21.17
N PRO C 162 0.88 18.81 -20.63
CA PRO C 162 -0.17 19.76 -20.99
C PRO C 162 -0.20 19.99 -22.51
N ARG C 163 0.98 20.06 -23.13
CA ARG C 163 1.17 20.25 -24.58
C ARG C 163 0.34 19.21 -25.35
N LEU C 164 0.38 17.93 -24.95
CA LEU C 164 -0.30 16.82 -25.68
C LEU C 164 -1.80 16.84 -25.47
N ARG C 165 -2.25 17.29 -24.30
CA ARG C 165 -3.71 17.47 -24.01
C ARG C 165 -4.29 18.59 -24.89
N GLU C 166 -3.51 19.64 -25.10
CA GLU C 166 -3.80 20.74 -26.07
C GLU C 166 -4.04 20.12 -27.45
N LEU C 167 -3.07 19.35 -27.95
CA LEU C 167 -3.13 18.72 -29.29
C LEU C 167 -4.34 17.77 -29.38
N ALA C 168 -4.58 16.96 -28.35
CA ALA C 168 -5.75 16.07 -28.31
C ALA C 168 -7.02 16.89 -28.54
N ARG C 169 -7.13 18.04 -27.88
CA ARG C 169 -8.35 18.89 -27.88
C ARG C 169 -8.52 19.55 -29.24
N GLN C 170 -7.48 19.60 -30.08
CA GLN C 170 -7.63 20.05 -31.49
C GLN C 170 -8.37 18.97 -32.29
N SER C 171 -8.16 17.69 -31.98
CA SER C 171 -8.95 16.58 -32.57
C SER C 171 -10.39 16.68 -32.09
N ASP C 172 -10.62 16.69 -30.78
CA ASP C 172 -11.97 16.82 -30.19
C ASP C 172 -11.95 17.88 -29.08
N PRO C 173 -12.46 19.10 -29.37
CA PRO C 173 -12.46 20.17 -28.38
C PRO C 173 -13.40 19.95 -27.19
N GLN C 174 -14.28 18.96 -27.25
CA GLN C 174 -15.22 18.68 -26.13
C GLN C 174 -14.55 17.80 -25.06
N LEU C 175 -13.35 17.24 -25.31
CA LEU C 175 -12.77 16.21 -24.41
C LEU C 175 -12.72 16.79 -22.99
N ALA C 176 -13.26 16.08 -22.00
CA ALA C 176 -13.02 16.36 -20.55
C ALA C 176 -11.63 15.85 -20.13
N GLU C 177 -11.20 16.19 -18.92
CA GLU C 177 -9.95 15.68 -18.33
C GLU C 177 -10.18 15.44 -16.84
N GLY C 178 -9.39 14.55 -16.26
CA GLY C 178 -9.65 14.09 -14.90
C GLY C 178 -8.43 13.45 -14.30
N VAL C 179 -8.39 13.40 -12.96
CA VAL C 179 -7.37 12.66 -12.18
C VAL C 179 -7.74 11.17 -12.16
N TYR C 180 -6.79 10.32 -12.55
CA TYR C 180 -6.88 8.84 -12.53
C TYR C 180 -6.14 8.30 -11.30
N ALA C 181 -6.86 7.53 -10.49
CA ALA C 181 -6.34 6.69 -9.37
C ALA C 181 -6.05 5.28 -9.90
N GLY C 182 -4.78 4.89 -9.92
CA GLY C 182 -4.36 3.51 -10.19
C GLY C 182 -4.37 2.70 -8.91
N LEU C 183 -5.22 1.68 -8.84
CA LEU C 183 -5.26 0.72 -7.71
C LEU C 183 -4.73 -0.63 -8.17
N PRO C 184 -4.29 -1.50 -7.23
CA PRO C 184 -3.79 -2.83 -7.58
C PRO C 184 -4.78 -3.66 -8.37
N GLY C 185 -6.08 -3.62 -8.00
CA GLY C 185 -7.09 -4.59 -8.47
C GLY C 185 -6.72 -6.00 -7.99
N PRO C 186 -7.30 -7.09 -8.57
CA PRO C 186 -8.27 -7.02 -9.67
C PRO C 186 -9.75 -6.88 -9.26
N HIS C 187 -10.04 -7.00 -7.97
CA HIS C 187 -11.38 -6.71 -7.42
C HIS C 187 -11.70 -5.23 -7.70
N TYR C 188 -12.97 -4.96 -7.96
CA TYR C 188 -13.50 -3.58 -8.08
C TYR C 188 -13.67 -3.01 -6.66
N GLU C 189 -13.91 -1.72 -6.57
CA GLU C 189 -13.97 -0.98 -5.28
C GLU C 189 -15.33 -1.19 -4.60
N THR C 190 -15.34 -1.22 -3.27
CA THR C 190 -16.57 -1.01 -2.48
C THR C 190 -17.05 0.42 -2.68
N PRO C 191 -18.35 0.71 -2.47
CA PRO C 191 -18.82 2.10 -2.49
C PRO C 191 -18.03 3.04 -1.58
N ALA C 192 -17.68 2.57 -0.38
CA ALA C 192 -16.96 3.36 0.65
C ALA C 192 -15.57 3.70 0.12
N GLU C 193 -14.91 2.78 -0.58
CA GLU C 193 -13.62 3.06 -1.26
C GLU C 193 -13.80 4.18 -2.30
N ILE C 194 -14.92 4.22 -3.01
CA ILE C 194 -15.15 5.27 -4.05
C ILE C 194 -15.34 6.62 -3.34
N ARG C 195 -16.16 6.68 -2.28
CA ARG C 195 -16.32 7.93 -1.51
C ARG C 195 -14.95 8.39 -1.03
N MET C 196 -14.12 7.45 -0.59
CA MET C 196 -12.73 7.75 -0.18
C MET C 196 -11.95 8.39 -1.35
N LEU C 197 -11.97 7.77 -2.53
CA LEU C 197 -11.26 8.27 -3.73
C LEU C 197 -11.82 9.64 -4.14
N GLN C 198 -13.09 9.92 -3.88
CA GLN C 198 -13.66 11.25 -4.17
C GLN C 198 -13.03 12.29 -3.24
N THR C 199 -13.03 12.01 -1.95
CA THR C 199 -12.28 12.81 -0.95
C THR C 199 -10.83 13.05 -1.40
N LEU C 200 -10.15 12.03 -1.93
CA LEU C 200 -8.70 12.12 -2.28
C LEU C 200 -8.51 12.89 -3.59
N GLY C 201 -9.58 13.21 -4.33
CA GLY C 201 -9.55 14.02 -5.55
C GLY C 201 -9.48 13.20 -6.84
N ALA C 202 -9.90 11.92 -6.86
CA ALA C 202 -9.95 11.08 -8.09
C ALA C 202 -11.25 11.34 -8.87
N ASP C 203 -11.16 11.43 -10.21
CA ASP C 203 -12.30 11.54 -11.17
C ASP C 203 -12.49 10.19 -11.89
N LEU C 204 -11.44 9.40 -11.97
CA LEU C 204 -11.40 8.11 -12.69
C LEU C 204 -10.71 7.13 -11.77
N VAL C 205 -11.03 5.84 -11.89
CA VAL C 205 -10.34 4.76 -11.15
C VAL C 205 -10.10 3.58 -12.10
N GLY C 206 -8.87 3.07 -12.06
CA GLY C 206 -8.47 1.92 -12.89
C GLY C 206 -7.42 1.10 -12.19
N MET C 207 -6.87 0.13 -12.91
CA MET C 207 -5.90 -0.85 -12.36
C MET C 207 -4.60 -0.90 -13.17
N SER C 208 -4.18 0.19 -13.84
CA SER C 208 -2.91 0.24 -14.60
C SER C 208 -2.37 1.67 -14.72
N THR C 209 -1.46 1.88 -15.70
CA THR C 209 -1.10 3.21 -16.24
C THR C 209 -0.08 3.90 -15.34
N VAL C 210 -0.31 4.00 -14.03
CA VAL C 210 0.50 4.85 -13.11
C VAL C 210 1.99 4.46 -13.17
N HIS C 211 2.33 3.17 -13.20
CA HIS C 211 3.74 2.71 -13.21
C HIS C 211 4.35 3.01 -14.58
N GLU C 212 3.57 2.82 -15.64
CA GLU C 212 3.98 3.09 -17.04
C GLU C 212 4.35 4.58 -17.16
N THR C 213 3.49 5.47 -16.65
CA THR C 213 3.74 6.94 -16.63
C THR C 213 5.06 7.22 -15.90
N ILE C 214 5.24 6.68 -14.69
CA ILE C 214 6.48 6.96 -13.92
C ILE C 214 7.69 6.51 -14.74
N ALA C 215 7.65 5.31 -15.31
CA ALA C 215 8.74 4.75 -16.15
C ALA C 215 8.98 5.67 -17.36
N ALA C 216 7.90 6.08 -18.03
CA ALA C 216 7.96 6.94 -19.25
C ALA C 216 8.68 8.24 -18.87
N ARG C 217 8.25 8.89 -17.79
CA ARG C 217 8.87 10.16 -17.33
C ARG C 217 10.32 9.90 -16.93
N ALA C 218 10.62 8.80 -16.24
CA ALA C 218 12.01 8.48 -15.82
C ALA C 218 12.87 8.26 -17.07
N ALA C 219 12.29 7.72 -18.15
CA ALA C 219 12.98 7.42 -19.43
C ALA C 219 13.01 8.66 -20.36
N GLY C 220 12.29 9.72 -20.03
CA GLY C 220 12.38 11.02 -20.71
C GLY C 220 11.37 11.16 -21.82
N ALA C 221 10.29 10.39 -21.80
CA ALA C 221 9.19 10.46 -22.80
C ALA C 221 8.05 11.30 -22.23
N GLU C 222 7.39 12.05 -23.10
CA GLU C 222 6.10 12.74 -22.80
C GLU C 222 5.00 11.69 -22.82
N VAL C 223 3.92 11.95 -22.09
CA VAL C 223 2.81 10.99 -21.88
C VAL C 223 1.52 11.71 -22.23
N LEU C 224 0.70 11.07 -23.05
CA LEU C 224 -0.74 11.39 -23.15
C LEU C 224 -1.48 10.19 -22.58
N GLY C 225 -2.28 10.40 -21.52
CA GLY C 225 -3.13 9.35 -20.94
C GLY C 225 -4.58 9.51 -21.36
N VAL C 226 -5.24 8.42 -21.75
CA VAL C 226 -6.67 8.47 -22.14
C VAL C 226 -7.40 7.29 -21.48
N SER C 227 -8.44 7.62 -20.72
CA SER C 227 -9.39 6.65 -20.13
C SER C 227 -10.64 6.57 -21.02
N LEU C 228 -11.12 5.35 -21.22
CA LEU C 228 -12.51 5.08 -21.64
C LEU C 228 -13.26 4.84 -20.35
N VAL C 229 -14.28 5.64 -20.07
CA VAL C 229 -15.18 5.39 -18.92
C VAL C 229 -16.05 4.21 -19.32
N THR C 230 -15.79 3.02 -18.76
CA THR C 230 -16.49 1.76 -19.09
C THR C 230 -17.64 1.52 -18.12
N ASN C 231 -17.73 2.35 -17.07
CA ASN C 231 -18.81 2.25 -16.05
C ASN C 231 -18.75 3.47 -15.13
N LEU C 232 -19.86 3.78 -14.48
CA LEU C 232 -19.84 4.63 -13.25
C LEU C 232 -19.22 3.80 -12.13
N ALA C 233 -18.34 4.42 -11.35
CA ALA C 233 -17.67 3.83 -10.18
C ALA C 233 -18.70 3.28 -9.19
N ALA C 234 -18.34 2.24 -8.45
CA ALA C 234 -19.16 1.59 -7.41
C ALA C 234 -19.86 2.62 -6.54
N GLY C 235 -21.18 2.45 -6.34
CA GLY C 235 -21.99 3.27 -5.43
C GLY C 235 -22.32 4.66 -5.98
N ILE C 236 -22.02 4.94 -7.25
CA ILE C 236 -22.43 6.21 -7.92
C ILE C 236 -23.93 6.11 -8.25
N THR C 237 -24.36 4.96 -8.79
CA THR C 237 -25.78 4.51 -8.83
C THR C 237 -26.02 3.57 -7.63
N GLY C 238 -27.26 3.17 -7.38
CA GLY C 238 -27.58 2.16 -6.34
C GLY C 238 -27.28 0.74 -6.79
N GLU C 239 -26.68 0.59 -7.98
CA GLU C 239 -26.56 -0.68 -8.76
C GLU C 239 -25.17 -1.28 -8.67
N PRO C 240 -25.03 -2.63 -8.63
CA PRO C 240 -23.72 -3.26 -8.69
C PRO C 240 -22.98 -3.11 -10.04
N LEU C 241 -21.65 -3.13 -10.02
CA LEU C 241 -20.83 -3.16 -11.25
C LEU C 241 -21.08 -4.47 -12.01
N SER C 242 -21.35 -4.39 -13.31
CA SER C 242 -21.31 -5.53 -14.25
C SER C 242 -19.99 -5.52 -15.01
N HIS C 243 -19.19 -6.57 -14.84
CA HIS C 243 -17.93 -6.78 -15.60
C HIS C 243 -18.26 -6.99 -17.08
N ALA C 244 -19.41 -7.56 -17.42
CA ALA C 244 -19.80 -7.80 -18.83
C ALA C 244 -20.06 -6.45 -19.52
N GLU C 245 -20.82 -5.56 -18.89
CA GLU C 245 -21.08 -4.17 -19.38
C GLU C 245 -19.76 -3.37 -19.47
N VAL C 246 -18.81 -3.58 -18.56
CA VAL C 246 -17.45 -2.96 -18.68
C VAL C 246 -16.82 -3.44 -20.01
N LEU C 247 -16.87 -4.73 -20.32
CA LEU C 247 -16.28 -5.29 -21.58
C LEU C 247 -17.07 -4.81 -22.81
N ALA C 248 -18.40 -4.77 -22.71
CA ALA C 248 -19.31 -4.28 -23.78
C ALA C 248 -18.95 -2.85 -24.18
N ALA C 249 -18.71 -1.98 -23.20
CA ALA C 249 -18.35 -0.55 -23.41
C ALA C 249 -17.06 -0.47 -24.23
N GLY C 250 -16.05 -1.28 -23.86
CA GLY C 250 -14.84 -1.46 -24.67
C GLY C 250 -15.20 -1.69 -26.12
N ALA C 251 -15.72 -2.88 -26.44
CA ALA C 251 -16.22 -3.27 -27.79
C ALA C 251 -16.98 -2.10 -28.43
N ALA C 252 -18.03 -1.61 -27.77
CA ALA C 252 -18.95 -0.57 -28.29
C ALA C 252 -18.24 0.73 -28.64
N SER C 253 -17.09 1.05 -28.03
CA SER C 253 -16.37 2.34 -28.24
C SER C 253 -15.22 2.19 -29.26
N ALA C 254 -14.93 0.95 -29.67
CA ALA C 254 -13.80 0.55 -30.54
C ALA C 254 -13.56 1.56 -31.67
N THR C 255 -14.49 1.73 -32.62
CA THR C 255 -14.33 2.57 -33.83
C THR C 255 -13.94 3.99 -33.42
N ARG C 256 -14.80 4.62 -32.61
CA ARG C 256 -14.65 6.03 -32.17
C ARG C 256 -13.27 6.22 -31.54
N MET C 257 -12.81 5.26 -30.72
CA MET C 257 -11.56 5.35 -29.90
C MET C 257 -10.32 5.16 -30.80
N GLY C 258 -10.34 4.21 -31.73
CA GLY C 258 -9.26 4.03 -32.73
C GLY C 258 -9.13 5.25 -33.63
N ALA C 259 -10.27 5.78 -34.10
CA ALA C 259 -10.33 6.98 -34.96
C ALA C 259 -9.79 8.17 -34.18
N LEU C 260 -10.20 8.36 -32.93
CA LEU C 260 -9.68 9.44 -32.05
C LEU C 260 -8.15 9.34 -31.96
N LEU C 261 -7.62 8.19 -31.55
CA LEU C 261 -6.16 8.06 -31.34
C LEU C 261 -5.42 8.43 -32.61
N ALA C 262 -5.90 7.90 -33.76
CA ALA C 262 -5.30 8.07 -35.11
C ALA C 262 -5.22 9.57 -35.40
N ASP C 263 -6.31 10.29 -35.18
CA ASP C 263 -6.40 11.74 -35.49
C ASP C 263 -5.49 12.52 -34.54
N VAL C 264 -5.52 12.22 -33.24
CA VAL C 264 -4.64 12.87 -32.23
C VAL C 264 -3.17 12.63 -32.61
N ILE C 265 -2.78 11.39 -32.93
CA ILE C 265 -1.34 11.03 -33.20
C ILE C 265 -0.81 11.74 -34.46
N ALA C 266 -1.64 11.97 -35.48
CA ALA C 266 -1.22 12.67 -36.71
C ALA C 266 -0.80 14.11 -36.37
N ARG C 267 -1.34 14.67 -35.29
CA ARG C 267 -1.12 16.08 -34.88
C ARG C 267 0.19 16.25 -34.12
N PHE C 268 0.77 15.18 -33.56
CA PHE C 268 2.03 15.25 -32.77
C PHE C 268 3.14 15.74 -33.70
#